data_5OJ6
#
_entry.id   5OJ6
#
_cell.length_a   109.420
_cell.length_b   184.140
_cell.length_c   96.470
_cell.angle_alpha   90.00
_cell.angle_beta   90.00
_cell.angle_gamma   90.00
#
_symmetry.space_group_name_H-M   'P 21 21 2'
#
loop_
_entity.id
_entity.type
_entity.pdbx_description
1 polymer Neuroligin-1
2 polymer 'MAM domain-containing glycosylphosphatidylinositol anchor protein 1'
3 branched beta-D-mannopyranose-(1-4)-2-acetamido-2-deoxy-beta-D-glucopyranose-(1-4)-2-acetamido-2-deoxy-beta-D-glucopyranose
4 non-polymer 2-acetamido-2-deoxy-beta-D-glucopyranose
#
loop_
_entity_poly.entity_id
_entity_poly.type
_entity_poly.pdbx_seq_one_letter_code
_entity_poly.pdbx_strand_id
1 'polypeptide(L)'
;TGQKLDDVDPLVATNFGKIRGIKKELNNEILGPVIQFLGVPYAAPPTGERRFQPPEPPSPWSDIRNATQFAPVCPQNIID
GRLPEVMLPVWFTNNLDVVSSYVQDQSEDCLYLNIYVPTEDDIRDSGGPKPVMVYIHGGSYMEGTGNLYDGSVLASYGNV
IVITVNYRLGVLGFLSTGDQAAKGNYGLLDLIQALRWTSENIGFFGGDPLRITVFGSGAGGSCVNLLTLSHYSEGLFQRA
IAQSGTALSSWAVSFQPAKYARMLATKVGCNVSDTVELVECLQKKPYKELVDQDIQPARYHIAFGPVIDGDVIPDDPQIL
MEQGEFLNYDIMLGVNQGEGLKFVENIVDSDDGISASDFDFAVSNFVDNLYGYPEGKDVLRETIKFMYTDWADRHNPETR
RKTLLALFTDHQWVAPAVATADLHSNFGSPTYFYAFYHHCQTDQVPAWADAAHGDEVPYVLGIPMIGPTELFPCNFSKND
VMLSAVVMTYWTNFAKTGDPNQPVPQDTKFIHTKPNRFEEVAWTRYSQKDQLYLHIGLKPRVKEHYRANKVNLWLELVPH
LHNLNDRTKHHHHHH
;
A
2 'polypeptide(L)'
;QGVYAPAQAQIIHAGQACVVKEDNISERVYTIREGDTLVLQCLVTGHPRPQVRWTKTAGSASDKFQETSVLNETLRIEKI
QRLQGGRYYCKAENGVGVPAIKSIRVDVQYLDEPVLTVHQTISDVRGSFYQEKTVFLRCTVNSNPPARFIWKRGAETLSH
SQDNGVDIYEPLYTQGETKVLKLKNLRPQDYASYTCQVSVRNVCSIPDKSITFQLTNTTAPPALKLSVNETLVVNPGDNV
TMQCSLTGGDPQPEVLWSHSPGPLPPNSLVQGGNLTIWRIRVEDSGYYNCTAINNVGNPAKKTVNLLVRSMKNATFQITP
DVIKESETIQLGQDLKLSCHVDAVPQEKVVYSWYKNGKPARFSDRLLITRNDPELPPVTCSLEIIDLRFSDYGTYLCVAT
FQGAPIPDLSVEVNISSETVPPTISVPKGQSTITVREGSRAELQCEVRGKPKPPIIWSRVDKETPMPSGTMTVETYDGKL
RLESVSRDMSGTYKCQTARYNGFNIRPREALVQLNVQFPPVVEPAFQDVRQGMGRSVTLRCTMLKGSPMKVATSVWRFNG
TLLAQPPAEQQDYSELKVDSVSRETSGSYECSISNDVGVSACLFQVSAKAYSPEFYYDTPNPTLSQKQSKNYSYILQWTQ
KEPDAVDPILKYRLEVRQLAQRNTIQTFIPVQKMEKGLLLEHILPNLKVPQSYEVRLTPITSFGAGDMAARIIRYMEPIN
YPSPTDNTCRFEDEKICGFVQDKMDNFDWTRQNALTQNPKRTVNTGPPTDISGTPEGYYMFIEASRPRVTGDKARLISPL
YNITAKYYCVSFYYHMYGKHIGSLNLLVRVRNKRAIDTQVWSLSGNRGNMWQQAHVPINPPGPFQIIFEGVRGTSYEGDI
AIDDVTLKKGDCPRKPIGPNKGTKHHHHHH
;
B
#
# COMPACT_ATOMS: atom_id res chain seq x y z
N VAL A 8 25.65 -24.77 12.68
CA VAL A 8 26.74 -25.00 13.61
C VAL A 8 27.23 -23.70 14.28
N ASP A 9 28.29 -23.08 13.80
CA ASP A 9 28.76 -21.79 14.32
C ASP A 9 28.41 -20.68 13.33
N PRO A 10 27.24 -20.06 13.50
CA PRO A 10 26.78 -19.00 12.59
C PRO A 10 27.58 -17.70 12.63
N LEU A 11 28.49 -17.51 11.68
CA LEU A 11 29.25 -16.26 11.61
C LEU A 11 28.84 -15.52 10.35
N VAL A 12 28.63 -14.23 10.48
CA VAL A 12 28.24 -13.39 9.36
C VAL A 12 29.04 -12.10 9.43
N ALA A 13 29.54 -11.65 8.28
CA ALA A 13 30.29 -10.41 8.22
C ALA A 13 29.39 -9.29 7.72
N THR A 14 29.21 -8.28 8.55
CA THR A 14 28.37 -7.14 8.22
C THR A 14 29.24 -5.93 7.85
N ASN A 15 28.59 -4.83 7.51
CA ASN A 15 29.30 -3.61 7.16
C ASN A 15 30.04 -3.02 8.38
N PHE A 16 29.72 -3.51 9.56
CA PHE A 16 30.32 -3.00 10.78
C PHE A 16 31.28 -4.02 11.43
N GLY A 17 31.35 -5.22 10.88
CA GLY A 17 32.20 -6.25 11.44
C GLY A 17 31.62 -7.64 11.45
N LYS A 18 32.41 -8.60 11.92
CA LYS A 18 32.00 -10.00 11.98
C LYS A 18 31.14 -10.23 13.21
N ILE A 19 30.10 -11.05 13.06
CA ILE A 19 29.20 -11.34 14.17
C ILE A 19 28.98 -12.85 14.27
N ARG A 20 28.97 -13.36 15.49
CA ARG A 20 28.75 -14.78 15.74
C ARG A 20 27.37 -15.03 16.34
N GLY A 21 26.64 -15.96 15.77
CA GLY A 21 25.30 -16.30 16.26
C GLY A 21 25.28 -17.58 17.08
N ILE A 22 24.08 -18.09 17.34
CA ILE A 22 23.93 -19.30 18.13
C ILE A 22 22.76 -20.14 17.60
N LYS A 23 23.01 -21.42 17.37
CA LYS A 23 21.98 -22.34 16.89
C LYS A 23 20.97 -22.62 17.99
N LYS A 24 19.70 -22.76 17.62
CA LYS A 24 18.66 -23.04 18.59
C LYS A 24 17.67 -24.09 18.07
N GLU A 25 17.51 -25.16 18.85
CA GLU A 25 16.54 -26.20 18.52
C GLU A 25 15.21 -25.86 19.16
N LEU A 26 14.13 -26.21 18.48
CA LEU A 26 12.79 -25.92 18.98
C LEU A 26 12.20 -27.18 19.59
N ASN A 27 11.34 -27.00 20.59
CA ASN A 27 10.70 -28.14 21.26
C ASN A 27 9.56 -28.63 20.38
N ASN A 28 9.90 -29.01 19.16
CA ASN A 28 8.90 -29.50 18.21
C ASN A 28 9.57 -30.23 17.04
N GLU A 29 9.20 -31.51 16.87
CA GLU A 29 9.79 -32.36 15.84
C GLU A 29 9.60 -31.94 14.38
N ILE A 30 8.57 -31.16 14.05
CA ILE A 30 8.38 -30.76 12.65
C ILE A 30 9.19 -29.50 12.37
N LEU A 31 9.27 -28.61 13.35
CA LEU A 31 10.00 -27.36 13.17
C LEU A 31 11.50 -27.60 13.14
N GLY A 32 12.16 -26.97 12.17
CA GLY A 32 13.61 -27.06 12.05
C GLY A 32 14.27 -26.10 13.01
N PRO A 33 15.58 -26.28 13.27
CA PRO A 33 16.24 -25.36 14.19
C PRO A 33 16.42 -23.98 13.59
N VAL A 34 16.79 -23.00 14.40
CA VAL A 34 16.99 -21.64 13.92
C VAL A 34 18.31 -21.06 14.42
N ILE A 35 18.74 -19.99 13.77
CA ILE A 35 19.94 -19.28 14.16
C ILE A 35 19.57 -17.96 14.80
N GLN A 36 20.07 -17.72 16.01
CA GLN A 36 19.77 -16.49 16.72
C GLN A 36 21.00 -15.58 16.82
N PHE A 37 20.79 -14.29 16.56
CA PHE A 37 21.82 -13.27 16.72
C PHE A 37 21.28 -12.29 17.75
N LEU A 38 21.71 -12.44 19.00
CA LEU A 38 21.20 -11.61 20.08
C LEU A 38 22.14 -10.46 20.45
N GLY A 39 21.56 -9.31 20.75
CA GLY A 39 22.33 -8.14 21.15
C GLY A 39 23.16 -7.53 20.06
N VAL A 40 22.59 -7.42 18.87
CA VAL A 40 23.28 -6.82 17.73
C VAL A 40 23.09 -5.31 17.73
N PRO A 41 24.18 -4.53 17.82
CA PRO A 41 24.05 -3.07 17.80
C PRO A 41 23.67 -2.54 16.42
N TYR A 42 22.60 -1.75 16.34
CA TYR A 42 22.16 -1.18 15.07
C TYR A 42 22.32 0.34 15.07
N ALA A 43 22.80 0.88 16.19
CA ALA A 43 23.03 2.31 16.33
C ALA A 43 24.03 2.56 17.46
N ALA A 44 24.54 3.79 17.54
CA ALA A 44 25.48 4.14 18.60
C ALA A 44 24.73 4.39 19.90
N PRO A 45 25.40 4.18 21.04
CA PRO A 45 24.75 4.42 22.34
C PRO A 45 24.23 5.84 22.50
N PRO A 46 22.94 6.00 22.84
CA PRO A 46 22.38 7.35 23.00
C PRO A 46 22.69 7.95 24.37
N THR A 47 23.98 8.03 24.70
CA THR A 47 24.41 8.55 25.98
C THR A 47 25.11 9.90 25.81
N GLY A 48 25.36 10.58 26.92
CA GLY A 48 26.04 11.85 26.88
C GLY A 48 25.30 12.90 26.06
N GLU A 49 26.01 13.50 25.12
CA GLU A 49 25.42 14.52 24.25
C GLU A 49 24.45 13.90 23.25
N ARG A 50 24.41 12.57 23.19
CA ARG A 50 23.50 11.88 22.26
C ARG A 50 22.14 11.57 22.90
N ARG A 51 21.97 11.95 24.17
CA ARG A 51 20.69 11.77 24.83
C ARG A 51 19.75 12.86 24.29
N PHE A 52 18.51 12.48 24.02
CA PHE A 52 17.52 13.41 23.46
C PHE A 52 17.99 13.88 22.10
N GLN A 53 18.71 13.00 21.40
CA GLN A 53 19.20 13.31 20.06
C GLN A 53 18.97 12.12 19.15
N PRO A 54 18.87 12.37 17.83
CA PRO A 54 18.65 11.25 16.90
C PRO A 54 19.76 10.21 17.00
N PRO A 55 19.46 8.96 16.62
CA PRO A 55 20.47 7.90 16.70
C PRO A 55 21.59 8.08 15.68
N GLU A 56 22.77 7.57 16.01
CA GLU A 56 23.91 7.66 15.11
C GLU A 56 24.36 6.24 14.77
N PRO A 57 24.94 6.05 13.57
CA PRO A 57 25.30 4.67 13.18
C PRO A 57 26.24 4.03 14.19
N PRO A 58 26.22 2.69 14.30
CA PRO A 58 27.08 2.02 15.27
C PRO A 58 28.55 2.00 14.85
N SER A 59 29.44 1.88 15.82
CA SER A 59 30.88 1.84 15.53
C SER A 59 31.29 0.45 15.10
N PRO A 60 32.21 0.35 14.11
CA PRO A 60 32.64 -0.99 13.67
C PRO A 60 33.61 -1.66 14.63
N TRP A 61 33.78 -2.97 14.47
CA TRP A 61 34.71 -3.76 15.28
C TRP A 61 35.54 -4.63 14.35
N SER A 62 36.79 -4.91 14.77
CA SER A 62 37.72 -5.67 13.93
C SER A 62 37.77 -7.18 14.20
N ASP A 63 37.25 -7.60 15.35
CA ASP A 63 37.29 -9.02 15.72
C ASP A 63 35.94 -9.69 15.43
N ILE A 64 35.69 -10.81 16.09
CA ILE A 64 34.41 -11.51 15.96
C ILE A 64 33.58 -11.15 17.19
N ARG A 65 32.48 -10.47 16.96
CA ARG A 65 31.59 -10.04 18.03
C ARG A 65 30.55 -11.14 18.30
N ASN A 66 30.35 -11.45 19.58
CA ASN A 66 29.40 -12.49 19.97
C ASN A 66 27.97 -11.97 20.07
N ALA A 67 27.04 -12.75 19.53
CA ALA A 67 25.62 -12.44 19.59
C ALA A 67 24.88 -13.67 20.08
N THR A 68 25.21 -14.09 21.29
CA THR A 68 24.64 -15.30 21.87
C THR A 68 23.73 -15.00 23.06
N GLN A 69 23.58 -13.73 23.41
CA GLN A 69 22.71 -13.35 24.51
C GLN A 69 22.11 -11.96 24.32
N PHE A 70 20.93 -11.75 24.90
CA PHE A 70 20.25 -10.47 24.82
C PHE A 70 21.09 -9.38 25.46
N ALA A 71 21.03 -8.18 24.90
CA ALA A 71 21.73 -7.03 25.47
C ALA A 71 20.82 -6.39 26.51
N PRO A 72 21.35 -5.48 27.32
CA PRO A 72 20.48 -4.83 28.31
C PRO A 72 19.31 -4.10 27.68
N VAL A 73 18.20 -4.01 28.39
CA VAL A 73 17.03 -3.33 27.88
C VAL A 73 17.09 -1.86 28.24
N CYS A 74 16.23 -1.07 27.62
CA CYS A 74 16.19 0.37 27.86
C CYS A 74 15.62 0.65 29.26
N PRO A 75 16.08 1.73 29.91
CA PRO A 75 15.61 2.09 31.25
C PRO A 75 14.08 2.09 31.41
N GLN A 76 13.59 1.48 32.48
CA GLN A 76 12.16 1.40 32.76
C GLN A 76 11.91 0.94 34.19
N ASN A 77 10.69 1.13 34.67
CA ASN A 77 10.32 0.76 36.03
C ASN A 77 8.95 0.08 36.07
N ILE A 78 8.89 -1.20 35.72
CA ILE A 78 7.61 -1.90 35.69
C ILE A 78 7.26 -2.65 36.97
N ILE A 79 8.02 -2.46 38.04
CA ILE A 79 7.74 -3.20 39.27
C ILE A 79 6.59 -2.52 39.97
N ASP A 80 5.44 -2.54 39.31
CA ASP A 80 4.22 -1.94 39.81
C ASP A 80 4.48 -0.47 40.13
N GLY A 81 5.33 0.16 39.34
CA GLY A 81 5.63 1.57 39.51
C GLY A 81 4.56 2.38 38.80
N ARG A 82 3.32 2.18 39.22
CA ARG A 82 2.17 2.91 38.70
C ARG A 82 2.07 2.83 37.17
N LEU A 83 2.11 1.62 36.63
CA LEU A 83 1.98 1.39 35.20
C LEU A 83 0.49 1.32 34.83
N PRO A 84 0.15 1.56 33.55
CA PRO A 84 -1.27 1.54 33.19
C PRO A 84 -1.73 0.21 32.60
N GLU A 85 -2.58 -0.47 33.36
CA GLU A 85 -3.06 -1.80 33.00
C GLU A 85 -4.01 -1.82 31.81
N VAL A 86 -4.73 -0.72 31.62
CA VAL A 86 -5.70 -0.63 30.54
C VAL A 86 -5.06 -0.58 29.16
N MET A 87 -3.77 -0.25 29.10
CA MET A 87 -3.08 -0.14 27.83
C MET A 87 -2.24 -1.37 27.53
N LEU A 88 -1.74 -2.02 28.57
CA LEU A 88 -0.88 -3.18 28.35
C LEU A 88 -1.68 -4.46 28.11
N PRO A 89 -1.10 -5.41 27.38
CA PRO A 89 -1.73 -6.71 27.12
C PRO A 89 -1.89 -7.52 28.41
N VAL A 90 -3.04 -8.18 28.56
CA VAL A 90 -3.32 -8.94 29.78
C VAL A 90 -2.23 -9.96 30.12
N TRP A 91 -1.62 -10.58 29.12
CA TRP A 91 -0.57 -11.56 29.39
C TRP A 91 0.63 -10.90 30.09
N PHE A 92 0.81 -9.61 29.84
CA PHE A 92 1.90 -8.85 30.41
C PHE A 92 1.64 -8.48 31.87
N THR A 93 0.52 -7.81 32.11
CA THR A 93 0.16 -7.37 33.46
C THR A 93 -0.12 -8.52 34.43
N ASN A 94 -0.61 -9.64 33.91
CA ASN A 94 -0.94 -10.78 34.76
C ASN A 94 0.26 -11.67 35.10
N ASN A 95 1.42 -11.33 34.56
CA ASN A 95 2.62 -12.13 34.80
C ASN A 95 3.87 -11.26 34.95
N LEU A 96 3.76 -10.18 35.73
CA LEU A 96 4.87 -9.24 35.89
C LEU A 96 6.14 -9.86 36.47
N ASP A 97 6.01 -10.89 37.30
CA ASP A 97 7.18 -11.51 37.90
C ASP A 97 8.11 -12.07 36.82
N VAL A 98 7.53 -12.75 35.84
CA VAL A 98 8.31 -13.31 34.74
C VAL A 98 8.77 -12.18 33.82
N VAL A 99 7.86 -11.26 33.51
CA VAL A 99 8.18 -10.12 32.67
C VAL A 99 9.34 -9.33 33.27
N SER A 100 9.30 -9.16 34.58
CA SER A 100 10.34 -8.41 35.29
C SER A 100 11.74 -8.97 35.03
N SER A 101 11.84 -10.29 34.90
CA SER A 101 13.12 -10.94 34.68
C SER A 101 13.74 -10.55 33.34
N TYR A 102 12.91 -10.19 32.37
CA TYR A 102 13.40 -9.80 31.05
C TYR A 102 13.93 -8.38 31.00
N VAL A 103 13.54 -7.55 31.96
CA VAL A 103 13.98 -6.15 31.98
C VAL A 103 14.74 -5.77 33.25
N GLN A 104 15.24 -6.75 33.99
CA GLN A 104 15.98 -6.46 35.22
C GLN A 104 17.37 -5.88 34.92
N ASP A 105 17.92 -6.22 33.76
CA ASP A 105 19.23 -5.73 33.36
C ASP A 105 19.07 -4.56 32.39
N GLN A 106 19.26 -3.36 32.91
CA GLN A 106 19.03 -2.14 32.13
C GLN A 106 20.27 -1.27 31.92
N SER A 107 20.21 -0.46 30.87
CA SER A 107 21.27 0.48 30.55
C SER A 107 20.75 1.48 29.52
N GLU A 108 21.29 2.69 29.54
CA GLU A 108 20.86 3.69 28.55
C GLU A 108 21.37 3.25 27.18
N ASP A 109 22.45 2.48 27.19
CA ASP A 109 22.99 1.90 25.96
C ASP A 109 22.16 0.64 25.71
N CYS A 110 21.07 0.81 24.98
CA CYS A 110 20.11 -0.28 24.78
C CYS A 110 19.61 -0.43 23.34
N LEU A 111 20.30 0.20 22.39
CA LEU A 111 19.85 0.11 21.00
C LEU A 111 20.39 -1.14 20.33
N TYR A 112 19.75 -2.27 20.62
CA TYR A 112 20.15 -3.55 20.05
C TYR A 112 18.94 -4.29 19.50
N LEU A 113 19.17 -5.12 18.50
CA LEU A 113 18.11 -5.92 17.89
C LEU A 113 18.49 -7.40 17.85
N ASN A 114 17.49 -8.26 17.67
CA ASN A 114 17.70 -9.70 17.64
C ASN A 114 17.22 -10.28 16.31
N ILE A 115 17.99 -11.21 15.75
CA ILE A 115 17.66 -11.80 14.45
C ILE A 115 17.47 -13.32 14.55
N TYR A 116 16.36 -13.77 13.99
CA TYR A 116 16.02 -15.19 13.96
C TYR A 116 16.00 -15.68 12.50
N VAL A 117 16.92 -16.57 12.15
CA VAL A 117 17.02 -17.05 10.77
C VAL A 117 16.67 -18.53 10.65
N PRO A 118 15.73 -18.89 9.75
CA PRO A 118 15.38 -20.30 9.55
C PRO A 118 16.50 -21.09 8.91
N THR A 119 16.57 -22.39 9.20
CA THR A 119 17.60 -23.25 8.63
C THR A 119 17.03 -24.10 7.50
N GLU A 120 16.43 -23.45 6.51
CA GLU A 120 15.83 -24.16 5.38
C GLU A 120 15.18 -23.18 4.40
N ARG A 124 12.56 -23.72 1.47
CA ARG A 124 11.43 -24.62 1.24
C ARG A 124 10.63 -24.15 0.02
N ASP A 125 10.31 -25.10 -0.86
CA ASP A 125 9.56 -24.80 -2.07
C ASP A 125 10.30 -23.76 -2.92
N SER A 126 9.76 -22.55 -3.01
CA SER A 126 10.38 -21.48 -3.76
C SER A 126 11.73 -21.09 -3.15
N GLY A 127 12.70 -20.81 -4.00
CA GLY A 127 14.05 -20.46 -3.56
C GLY A 127 14.40 -19.00 -3.77
N GLY A 128 15.42 -18.53 -3.07
CA GLY A 128 15.82 -17.14 -3.13
C GLY A 128 15.81 -16.48 -1.76
N PRO A 129 16.21 -15.20 -1.68
CA PRO A 129 16.23 -14.46 -0.41
C PRO A 129 14.89 -14.54 0.32
N LYS A 130 14.93 -14.77 1.63
CA LYS A 130 13.71 -14.92 2.40
C LYS A 130 13.20 -13.59 2.97
N PRO A 131 11.86 -13.44 3.11
CA PRO A 131 11.26 -12.22 3.66
C PRO A 131 11.70 -11.91 5.08
N VAL A 132 11.66 -10.64 5.45
CA VAL A 132 12.05 -10.20 6.78
C VAL A 132 10.87 -9.57 7.49
N MET A 133 10.56 -10.05 8.68
CA MET A 133 9.47 -9.52 9.49
C MET A 133 10.05 -8.88 10.75
N VAL A 134 9.84 -7.57 10.88
CA VAL A 134 10.39 -6.81 12.00
C VAL A 134 9.30 -6.52 13.02
N TYR A 135 9.41 -7.13 14.20
CA TYR A 135 8.42 -6.93 15.24
C TYR A 135 8.72 -5.69 16.09
N ILE A 136 7.72 -4.85 16.26
CA ILE A 136 7.85 -3.63 17.05
C ILE A 136 6.98 -3.77 18.28
N HIS A 137 7.62 -3.93 19.44
CA HIS A 137 6.89 -4.09 20.69
C HIS A 137 6.41 -2.74 21.20
N GLY A 138 5.52 -2.77 22.18
CA GLY A 138 5.03 -1.53 22.77
C GLY A 138 3.74 -1.68 23.55
N GLY A 139 3.77 -1.27 24.81
CA GLY A 139 2.59 -1.29 25.66
C GLY A 139 2.05 0.10 25.88
N SER A 140 2.89 0.97 26.43
CA SER A 140 2.50 2.35 26.70
C SER A 140 3.61 3.35 26.36
N TYR A 141 4.65 2.87 25.67
CA TYR A 141 5.82 3.66 25.29
C TYR A 141 6.83 3.82 26.44
N MET A 142 6.47 3.36 27.63
CA MET A 142 7.31 3.53 28.81
C MET A 142 8.13 2.29 29.18
N GLU A 143 7.72 1.13 28.66
CA GLU A 143 8.35 -0.13 29.08
C GLU A 143 8.41 -1.14 27.95
N GLY A 144 8.95 -2.32 28.29
CA GLY A 144 9.02 -3.43 27.38
C GLY A 144 10.36 -3.67 26.70
N THR A 145 10.38 -4.72 25.87
CA THR A 145 11.58 -5.09 25.14
C THR A 145 11.20 -6.14 24.09
N GLY A 146 11.90 -6.14 22.96
CA GLY A 146 11.66 -7.12 21.93
C GLY A 146 12.10 -8.50 22.38
N ASN A 147 12.92 -8.55 23.42
CA ASN A 147 13.45 -9.80 23.96
C ASN A 147 12.34 -10.70 24.47
N LEU A 148 11.18 -10.11 24.78
CA LEU A 148 10.04 -10.88 25.29
C LEU A 148 9.39 -11.72 24.20
N TYR A 149 9.66 -11.38 22.94
CA TYR A 149 9.03 -12.06 21.81
C TYR A 149 10.02 -12.96 21.06
N ASP A 150 9.96 -14.26 21.33
CA ASP A 150 10.82 -15.22 20.64
C ASP A 150 10.27 -15.47 19.24
N GLY A 151 11.01 -15.03 18.23
CA GLY A 151 10.60 -15.19 16.84
C GLY A 151 11.03 -16.50 16.22
N SER A 152 11.57 -17.39 17.03
CA SER A 152 12.09 -18.67 16.55
C SER A 152 11.06 -19.50 15.80
N VAL A 153 9.89 -19.72 16.41
CA VAL A 153 8.85 -20.55 15.80
C VAL A 153 8.29 -19.90 14.53
N LEU A 154 7.99 -18.60 14.61
CA LEU A 154 7.46 -17.88 13.47
C LEU A 154 8.42 -17.95 12.29
N ALA A 155 9.71 -17.81 12.57
CA ALA A 155 10.73 -17.86 11.53
C ALA A 155 10.85 -19.25 10.93
N SER A 156 10.99 -20.25 11.80
CA SER A 156 11.14 -21.63 11.38
C SER A 156 9.93 -22.17 10.62
N TYR A 157 8.74 -21.94 11.18
CA TYR A 157 7.50 -22.44 10.58
C TYR A 157 7.20 -21.78 9.23
N GLY A 158 7.31 -20.45 9.20
CA GLY A 158 6.97 -19.71 8.00
C GLY A 158 8.10 -19.58 7.00
N ASN A 159 9.31 -19.96 7.41
CA ASN A 159 10.48 -19.84 6.56
C ASN A 159 10.73 -18.38 6.22
N VAL A 160 10.70 -17.55 7.26
CA VAL A 160 10.95 -16.11 7.12
C VAL A 160 11.92 -15.67 8.20
N ILE A 161 12.54 -14.51 8.00
CA ILE A 161 13.45 -13.96 8.99
C ILE A 161 12.66 -13.04 9.91
N VAL A 162 12.85 -13.21 11.21
CA VAL A 162 12.14 -12.40 12.20
C VAL A 162 13.13 -11.56 12.98
N ILE A 163 12.79 -10.30 13.16
CA ILE A 163 13.65 -9.37 13.89
C ILE A 163 12.85 -8.70 15.00
N THR A 164 13.44 -8.63 16.18
CA THR A 164 12.81 -7.91 17.29
C THR A 164 13.73 -6.74 17.61
N VAL A 165 13.15 -5.59 17.93
CA VAL A 165 13.93 -4.38 18.13
C VAL A 165 13.72 -3.76 19.51
N ASN A 166 14.77 -3.15 20.03
CA ASN A 166 14.72 -2.41 21.28
C ASN A 166 14.98 -0.93 20.98
N TYR A 167 14.04 -0.08 21.37
CA TYR A 167 14.16 1.35 21.13
C TYR A 167 14.02 2.13 22.42
N ARG A 168 14.55 3.35 22.43
CA ARG A 168 14.49 4.20 23.63
C ARG A 168 13.05 4.37 24.07
N LEU A 169 12.83 4.24 25.37
CA LEU A 169 11.48 4.28 25.93
C LEU A 169 11.24 5.51 26.80
N GLY A 170 9.97 5.81 27.03
CA GLY A 170 9.56 6.89 27.89
C GLY A 170 10.29 8.21 27.70
N VAL A 171 10.76 8.77 28.81
CA VAL A 171 11.42 10.06 28.82
C VAL A 171 12.60 10.09 27.87
N LEU A 172 13.48 9.11 28.01
CA LEU A 172 14.68 9.05 27.18
C LEU A 172 14.36 8.91 25.70
N GLY A 173 13.25 8.25 25.39
CA GLY A 173 12.85 8.03 24.01
C GLY A 173 11.86 8.99 23.40
N PHE A 174 11.13 9.75 24.22
CA PHE A 174 10.09 10.62 23.67
C PHE A 174 9.93 12.01 24.30
N LEU A 175 10.80 12.38 25.22
CA LEU A 175 10.69 13.71 25.84
C LEU A 175 10.80 14.79 24.76
N SER A 176 9.93 15.79 24.83
CA SER A 176 9.92 16.90 23.89
C SER A 176 9.52 18.21 24.56
N THR A 177 10.23 19.28 24.26
CA THR A 177 9.95 20.59 24.84
C THR A 177 9.01 21.41 23.97
N GLY A 178 8.56 20.83 22.85
CA GLY A 178 7.66 21.53 21.96
C GLY A 178 8.36 22.52 21.05
N ASP A 179 9.69 22.54 21.10
CA ASP A 179 10.47 23.42 20.24
C ASP A 179 11.71 22.69 19.74
N GLN A 180 12.73 23.43 19.32
CA GLN A 180 13.94 22.84 18.77
C GLN A 180 14.87 22.25 19.84
N ALA A 181 14.65 22.62 21.10
CA ALA A 181 15.49 22.11 22.18
C ALA A 181 15.43 20.59 22.24
N ALA A 182 14.23 20.05 22.06
CA ALA A 182 14.01 18.61 22.06
C ALA A 182 12.82 18.28 21.18
N LYS A 183 13.08 17.82 19.96
CA LYS A 183 12.01 17.55 19.01
C LYS A 183 11.23 16.26 19.32
N GLY A 184 11.78 15.39 20.16
CA GLY A 184 11.09 14.17 20.53
C GLY A 184 11.18 13.07 19.48
N ASN A 185 10.36 12.04 19.63
CA ASN A 185 10.30 10.93 18.68
C ASN A 185 11.63 10.20 18.51
N TYR A 186 12.45 10.24 19.55
CA TYR A 186 13.75 9.57 19.50
C TYR A 186 13.55 8.08 19.31
N GLY A 187 12.57 7.52 20.01
CA GLY A 187 12.26 6.10 19.92
C GLY A 187 11.84 5.67 18.52
N LEU A 188 11.14 6.55 17.83
CA LEU A 188 10.71 6.27 16.46
C LEU A 188 11.91 6.33 15.53
N LEU A 189 12.82 7.27 15.82
CA LEU A 189 14.02 7.43 15.03
C LEU A 189 14.95 6.22 15.18
N ASP A 190 14.92 5.61 16.36
CA ASP A 190 15.71 4.41 16.59
C ASP A 190 15.14 3.29 15.74
N LEU A 191 13.82 3.19 15.71
CA LEU A 191 13.14 2.17 14.91
C LEU A 191 13.44 2.35 13.44
N ILE A 192 13.46 3.60 12.99
CA ILE A 192 13.78 3.91 11.61
C ILE A 192 15.22 3.49 11.36
N GLN A 193 16.09 3.79 12.32
CA GLN A 193 17.50 3.45 12.21
C GLN A 193 17.71 1.93 12.20
N ALA A 194 16.90 1.22 12.98
CA ALA A 194 16.98 -0.22 13.03
C ALA A 194 16.59 -0.80 11.68
N LEU A 195 15.58 -0.19 11.07
CA LEU A 195 15.12 -0.62 9.75
C LEU A 195 16.18 -0.33 8.70
N ARG A 196 16.90 0.77 8.90
CA ARG A 196 17.99 1.13 8.00
C ARG A 196 19.06 0.05 8.07
N TRP A 197 19.46 -0.28 9.29
CA TRP A 197 20.48 -1.29 9.53
C TRP A 197 20.06 -2.60 8.87
N THR A 198 18.78 -2.95 9.03
CA THR A 198 18.25 -4.18 8.46
C THR A 198 18.35 -4.18 6.94
N SER A 199 17.92 -3.08 6.34
CA SER A 199 17.95 -2.96 4.88
C SER A 199 19.36 -3.12 4.34
N GLU A 200 20.33 -2.56 5.06
CA GLU A 200 21.72 -2.56 4.63
C GLU A 200 22.50 -3.84 4.95
N ASN A 201 22.06 -4.58 5.97
CA ASN A 201 22.82 -5.75 6.41
C ASN A 201 22.08 -7.09 6.38
N ILE A 202 20.75 -7.06 6.28
CA ILE A 202 20.00 -8.31 6.34
C ILE A 202 20.29 -9.20 5.12
N GLY A 203 20.75 -8.60 4.03
CA GLY A 203 21.09 -9.36 2.86
C GLY A 203 22.23 -10.33 3.13
N PHE A 204 23.08 -9.97 4.07
CA PHE A 204 24.21 -10.81 4.45
C PHE A 204 23.71 -12.03 5.22
N PHE A 205 22.48 -11.98 5.72
CA PHE A 205 21.90 -13.08 6.47
C PHE A 205 20.93 -13.90 5.62
N GLY A 206 20.77 -13.51 4.36
CA GLY A 206 19.88 -14.21 3.45
C GLY A 206 18.50 -13.59 3.38
N GLY A 207 18.37 -12.37 3.89
CA GLY A 207 17.10 -11.67 3.87
C GLY A 207 16.87 -10.82 2.63
N ASP A 208 15.61 -10.56 2.32
CA ASP A 208 15.26 -9.75 1.16
C ASP A 208 14.88 -8.33 1.58
N PRO A 209 15.76 -7.34 1.33
CA PRO A 209 15.44 -5.97 1.72
C PRO A 209 14.28 -5.36 0.93
N LEU A 210 13.84 -6.04 -0.12
CA LEU A 210 12.73 -5.57 -0.93
C LEU A 210 11.41 -6.14 -0.41
N ARG A 211 11.49 -7.01 0.59
CA ARG A 211 10.30 -7.59 1.20
C ARG A 211 10.42 -7.54 2.72
N ILE A 212 10.39 -6.34 3.26
CA ILE A 212 10.46 -6.14 4.70
C ILE A 212 9.07 -5.78 5.19
N THR A 213 8.58 -6.55 6.16
CA THR A 213 7.28 -6.31 6.76
C THR A 213 7.46 -5.93 8.21
N VAL A 214 6.85 -4.82 8.61
CA VAL A 214 6.89 -4.38 10.00
C VAL A 214 5.56 -4.73 10.65
N PHE A 215 5.61 -5.29 11.85
CA PHE A 215 4.40 -5.64 12.55
C PHE A 215 4.56 -5.43 14.04
N GLY A 216 3.46 -5.16 14.72
CA GLY A 216 3.49 -4.92 16.15
C GLY A 216 2.10 -4.90 16.75
N SER A 217 2.02 -5.15 18.04
CA SER A 217 0.74 -5.19 18.74
C SER A 217 0.67 -4.10 19.80
N GLY A 218 -0.54 -3.59 20.06
CA GLY A 218 -0.73 -2.55 21.04
C GLY A 218 -0.03 -1.28 20.61
N ALA A 219 0.68 -0.64 21.54
CA ALA A 219 1.41 0.58 21.22
C ALA A 219 2.43 0.27 20.12
N GLY A 220 2.80 -1.01 20.00
CA GLY A 220 3.68 -1.45 18.95
C GLY A 220 2.98 -1.29 17.61
N GLY A 221 1.68 -1.56 17.61
CA GLY A 221 0.85 -1.40 16.43
C GLY A 221 0.72 0.07 16.07
N SER A 222 0.68 0.91 17.10
CA SER A 222 0.62 2.37 16.91
C SER A 222 1.89 2.83 16.22
N CYS A 223 3.02 2.26 16.63
CA CYS A 223 4.32 2.59 16.07
C CYS A 223 4.34 2.28 14.57
N VAL A 224 3.83 1.10 14.23
CA VAL A 224 3.80 0.64 12.85
C VAL A 224 3.10 1.67 11.96
N ASN A 225 1.92 2.10 12.38
CA ASN A 225 1.15 3.06 11.59
C ASN A 225 1.83 4.42 11.52
N LEU A 226 2.42 4.88 12.63
CA LEU A 226 3.11 6.15 12.62
C LEU A 226 4.28 6.12 11.64
N LEU A 227 4.96 4.99 11.56
CA LEU A 227 6.07 4.84 10.63
C LEU A 227 5.59 4.94 9.17
N THR A 228 4.39 4.44 8.90
CA THR A 228 3.84 4.47 7.54
C THR A 228 3.45 5.87 7.10
N LEU A 229 3.39 6.82 8.05
CA LEU A 229 3.00 8.18 7.73
C LEU A 229 4.24 9.08 7.64
N SER A 230 5.41 8.50 7.86
CA SER A 230 6.67 9.24 7.83
C SER A 230 7.38 8.98 6.51
N HIS A 231 7.94 10.04 5.91
CA HIS A 231 8.68 9.89 4.66
C HIS A 231 9.98 9.14 4.89
N TYR A 232 10.39 9.06 6.15
CA TYR A 232 11.63 8.40 6.51
C TYR A 232 11.55 6.90 6.25
N SER A 233 10.33 6.38 6.12
CA SER A 233 10.11 4.97 5.86
C SER A 233 10.10 4.59 4.38
N GLU A 234 10.29 5.56 3.48
CA GLU A 234 10.26 5.27 2.06
C GLU A 234 11.32 4.22 1.71
N GLY A 235 10.93 3.22 0.94
CA GLY A 235 11.82 2.15 0.53
C GLY A 235 12.37 1.26 1.62
N LEU A 236 12.31 1.71 2.87
CA LEU A 236 12.78 0.92 4.00
C LEU A 236 12.03 -0.42 4.10
N PHE A 237 10.70 -0.35 4.18
CA PHE A 237 9.88 -1.56 4.20
C PHE A 237 8.71 -1.43 3.22
N GLN A 238 8.08 -2.55 2.89
CA GLN A 238 7.04 -2.60 1.87
C GLN A 238 5.65 -2.93 2.42
N ARG A 239 5.59 -3.58 3.58
CA ARG A 239 4.32 -3.99 4.15
C ARG A 239 4.27 -3.74 5.66
N ALA A 240 3.04 -3.66 6.18
CA ALA A 240 2.84 -3.41 7.60
C ALA A 240 1.65 -4.20 8.13
N ILE A 241 1.80 -4.74 9.33
CA ILE A 241 0.74 -5.47 10.00
C ILE A 241 0.53 -4.83 11.37
N ALA A 242 -0.67 -4.30 11.62
CA ALA A 242 -0.94 -3.61 12.88
C ALA A 242 -1.99 -4.33 13.71
N GLN A 243 -1.53 -4.99 14.79
CA GLN A 243 -2.41 -5.74 15.66
C GLN A 243 -2.87 -4.91 16.86
N SER A 244 -4.16 -4.67 16.98
CA SER A 244 -4.69 -3.96 18.14
C SER A 244 -3.92 -2.67 18.43
N GLY A 245 -3.71 -1.85 17.40
CA GLY A 245 -3.00 -0.60 17.57
C GLY A 245 -3.06 0.29 16.35
N THR A 246 -3.34 1.57 16.57
CA THR A 246 -3.43 2.55 15.50
C THR A 246 -2.77 3.86 15.88
N ALA A 247 -2.74 4.80 14.94
CA ALA A 247 -2.19 6.12 15.19
C ALA A 247 -3.29 7.13 15.51
N LEU A 248 -4.53 6.65 15.59
CA LEU A 248 -5.68 7.52 15.81
C LEU A 248 -6.27 7.41 17.22
N SER A 249 -5.77 6.49 18.02
CA SER A 249 -6.29 6.33 19.38
C SER A 249 -5.82 7.47 20.28
N SER A 250 -6.52 7.66 21.40
CA SER A 250 -6.22 8.73 22.35
C SER A 250 -4.85 8.63 22.98
N TRP A 251 -4.32 7.41 23.08
CA TRP A 251 -3.02 7.19 23.73
C TRP A 251 -1.89 6.88 22.75
N ALA A 252 -2.11 7.16 21.47
CA ALA A 252 -1.09 6.90 20.47
C ALA A 252 -0.06 8.02 20.41
N VAL A 253 -0.51 9.24 20.67
CA VAL A 253 0.36 10.42 20.57
C VAL A 253 0.26 11.31 21.80
N SER A 254 1.37 11.93 22.15
CA SER A 254 1.42 12.89 23.24
C SER A 254 1.26 14.28 22.63
N PHE A 255 0.12 14.92 22.91
CA PHE A 255 -0.18 16.22 22.33
C PHE A 255 0.29 17.40 23.18
N GLN A 256 0.63 17.14 24.45
CA GLN A 256 1.14 18.17 25.33
C GLN A 256 2.51 17.81 25.91
N PRO A 257 3.47 17.50 25.02
CA PRO A 257 4.82 17.13 25.47
C PRO A 257 5.50 18.16 26.38
N ALA A 258 5.43 19.44 26.01
CA ALA A 258 6.07 20.51 26.77
C ALA A 258 5.58 20.52 28.22
N LYS A 259 4.27 20.36 28.39
CA LYS A 259 3.65 20.34 29.71
C LYS A 259 4.30 19.31 30.64
N TYR A 260 4.47 18.09 30.13
CA TYR A 260 5.03 16.99 30.89
C TYR A 260 6.55 17.09 31.03
N ALA A 261 7.20 17.69 30.04
CA ALA A 261 8.65 17.86 30.08
C ALA A 261 9.02 18.76 31.26
N ARG A 262 8.23 19.79 31.49
CA ARG A 262 8.50 20.73 32.57
C ARG A 262 8.17 20.14 33.93
N MET A 263 7.18 19.25 33.99
CA MET A 263 6.83 18.60 35.24
C MET A 263 8.01 17.75 35.68
N LEU A 264 8.62 17.07 34.72
CA LEU A 264 9.78 16.23 34.98
C LEU A 264 10.93 17.11 35.47
N ALA A 265 11.18 18.19 34.74
CA ALA A 265 12.25 19.11 35.06
C ALA A 265 12.10 19.65 36.49
N THR A 266 10.88 20.04 36.84
CA THR A 266 10.59 20.54 38.18
C THR A 266 10.92 19.48 39.21
N LYS A 267 10.59 18.23 38.87
CA LYS A 267 10.82 17.11 39.77
C LYS A 267 12.30 16.83 40.01
N VAL A 268 13.14 17.17 39.03
CA VAL A 268 14.59 16.94 39.15
C VAL A 268 15.38 18.22 39.34
N GLY A 269 14.71 19.36 39.44
CA GLY A 269 15.41 20.61 39.66
C GLY A 269 16.00 21.23 38.40
N CYS A 270 15.39 20.96 37.25
CA CYS A 270 15.89 21.47 35.97
C CYS A 270 14.94 22.45 35.30
N ASN A 271 13.90 22.86 36.00
CA ASN A 271 12.90 23.76 35.41
C ASN A 271 13.37 25.21 35.33
N VAL A 272 14.05 25.53 34.23
CA VAL A 272 14.51 26.90 33.99
C VAL A 272 13.67 27.49 32.85
N SER A 273 13.72 28.81 32.71
CA SER A 273 12.94 29.48 31.68
C SER A 273 13.35 29.02 30.28
N ASP A 274 14.65 29.05 29.99
CA ASP A 274 15.16 28.66 28.68
C ASP A 274 15.02 27.16 28.46
N THR A 275 14.28 26.78 27.43
CA THR A 275 14.07 25.37 27.11
C THR A 275 15.38 24.66 26.76
N VAL A 276 16.32 25.39 26.16
CA VAL A 276 17.59 24.82 25.78
C VAL A 276 18.41 24.47 27.02
N GLU A 277 18.44 25.36 28.00
CA GLU A 277 19.18 25.13 29.23
C GLU A 277 18.53 24.00 30.02
N LEU A 278 17.21 23.91 29.91
CA LEU A 278 16.45 22.87 30.59
C LEU A 278 16.87 21.49 30.09
N VAL A 279 16.99 21.34 28.77
CA VAL A 279 17.36 20.04 28.20
C VAL A 279 18.79 19.69 28.57
N GLU A 280 19.70 20.67 28.52
CA GLU A 280 21.09 20.43 28.88
C GLU A 280 21.19 19.98 30.33
N CYS A 281 20.32 20.52 31.17
CA CYS A 281 20.29 20.19 32.59
C CYS A 281 19.89 18.71 32.75
N LEU A 282 18.89 18.30 31.98
CA LEU A 282 18.43 16.91 32.00
C LEU A 282 19.51 15.95 31.50
N GLN A 283 20.32 16.41 30.56
CA GLN A 283 21.38 15.58 29.99
C GLN A 283 22.51 15.33 30.99
N LYS A 284 22.50 16.08 32.09
CA LYS A 284 23.53 15.94 33.11
C LYS A 284 23.07 14.94 34.17
N LYS A 285 21.76 14.74 34.24
CA LYS A 285 21.14 13.86 35.23
C LYS A 285 21.28 12.36 34.93
N PRO A 286 21.43 11.53 35.98
CA PRO A 286 21.49 10.08 35.78
C PRO A 286 20.15 9.58 35.22
N TYR A 287 20.18 8.69 34.23
CA TYR A 287 18.95 8.25 33.59
C TYR A 287 17.96 7.70 34.60
N LYS A 288 18.45 7.03 35.64
CA LYS A 288 17.59 6.44 36.65
C LYS A 288 16.76 7.51 37.36
N GLU A 289 17.35 8.69 37.52
CA GLU A 289 16.67 9.80 38.18
C GLU A 289 15.45 10.25 37.37
N LEU A 290 15.58 10.23 36.05
CA LEU A 290 14.51 10.66 35.16
C LEU A 290 13.38 9.62 35.07
N VAL A 291 13.76 8.36 35.05
CA VAL A 291 12.81 7.26 34.93
C VAL A 291 11.97 7.09 36.19
N ASP A 292 12.59 7.22 37.36
CA ASP A 292 11.91 6.98 38.62
C ASP A 292 10.92 8.07 39.01
N GLN A 293 10.85 9.15 38.24
CA GLN A 293 9.91 10.22 38.55
C GLN A 293 8.48 9.80 38.27
N ASP A 294 7.55 10.36 39.03
CA ASP A 294 6.13 10.06 38.89
C ASP A 294 5.45 11.13 38.05
N ILE A 295 5.20 10.81 36.77
CA ILE A 295 4.53 11.72 35.87
C ILE A 295 3.24 11.09 35.34
N GLN A 296 2.11 11.46 35.95
CA GLN A 296 0.83 10.91 35.56
C GLN A 296 0.16 11.77 34.48
N PRO A 297 -0.23 11.15 33.35
CA PRO A 297 -0.91 11.91 32.29
C PRO A 297 -2.42 11.93 32.47
N ALA A 298 -3.13 12.59 31.56
CA ALA A 298 -4.58 12.62 31.62
C ALA A 298 -5.08 11.20 31.39
N ARG A 299 -6.26 10.88 31.91
CA ARG A 299 -6.78 9.53 31.77
C ARG A 299 -6.98 9.19 30.30
N TYR A 300 -6.60 7.97 29.92
CA TYR A 300 -6.72 7.49 28.55
C TYR A 300 -5.73 8.17 27.60
N HIS A 301 -4.79 8.94 28.16
CA HIS A 301 -3.77 9.61 27.37
C HIS A 301 -2.37 9.27 27.87
N ILE A 302 -1.36 9.78 27.18
CA ILE A 302 0.03 9.53 27.56
C ILE A 302 0.78 10.82 27.80
N ALA A 303 1.84 10.74 28.60
CA ALA A 303 2.69 11.90 28.89
C ALA A 303 3.86 11.91 27.91
N PHE A 304 4.68 10.86 28.01
CA PHE A 304 5.85 10.73 27.15
C PHE A 304 5.59 9.70 26.05
N GLY A 305 5.67 10.16 24.81
CA GLY A 305 5.44 9.31 23.65
C GLY A 305 5.62 10.07 22.35
N PRO A 306 5.25 9.44 21.23
CA PRO A 306 5.38 10.10 19.92
C PRO A 306 4.71 11.47 19.90
N VAL A 307 5.35 12.45 19.25
CA VAL A 307 4.79 13.79 19.15
C VAL A 307 4.74 14.24 17.69
N ILE A 308 3.88 15.20 17.41
CA ILE A 308 3.77 15.76 16.07
C ILE A 308 4.80 16.87 15.95
N ASP A 309 5.96 16.53 15.41
CA ASP A 309 7.07 17.47 15.29
C ASP A 309 7.15 18.18 13.94
N GLY A 310 6.35 17.72 12.98
CA GLY A 310 6.36 18.32 11.66
C GLY A 310 7.46 17.79 10.77
N ASP A 311 8.26 16.87 11.29
CA ASP A 311 9.37 16.28 10.54
C ASP A 311 9.17 14.77 10.48
N VAL A 312 9.42 14.10 11.59
CA VAL A 312 9.21 12.65 11.67
C VAL A 312 7.74 12.38 11.44
N ILE A 313 6.91 13.16 12.15
CA ILE A 313 5.46 13.10 12.02
C ILE A 313 5.02 14.46 11.48
N PRO A 314 4.80 14.56 10.16
CA PRO A 314 4.48 15.84 9.52
C PRO A 314 3.24 16.56 10.08
N ASP A 315 2.23 15.82 10.50
CA ASP A 315 1.01 16.42 11.01
C ASP A 315 0.15 15.40 11.75
N ASP A 316 -0.95 15.87 12.32
CA ASP A 316 -1.89 15.00 13.02
C ASP A 316 -2.19 13.81 12.10
N PRO A 317 -2.07 12.58 12.62
CA PRO A 317 -2.36 11.42 11.77
C PRO A 317 -3.75 11.49 11.15
N GLN A 318 -4.71 12.06 11.87
CA GLN A 318 -6.07 12.17 11.38
C GLN A 318 -6.13 13.02 10.10
N ILE A 319 -5.44 14.15 10.11
CA ILE A 319 -5.41 15.04 8.96
C ILE A 319 -4.67 14.39 7.79
N LEU A 320 -3.52 13.79 8.08
CA LEU A 320 -2.72 13.15 7.03
C LEU A 320 -3.50 12.05 6.34
N MET A 321 -4.17 11.21 7.12
CA MET A 321 -4.97 10.12 6.56
C MET A 321 -6.21 10.60 5.81
N GLU A 322 -6.94 11.56 6.37
CA GLU A 322 -8.14 12.07 5.70
C GLU A 322 -7.80 12.68 4.34
N GLN A 323 -6.63 13.32 4.26
CA GLN A 323 -6.21 13.98 3.03
C GLN A 323 -5.33 13.07 2.17
N GLY A 324 -5.26 11.80 2.54
CA GLY A 324 -4.48 10.81 1.83
C GLY A 324 -3.01 11.14 1.65
N GLU A 325 -2.46 11.87 2.61
CA GLU A 325 -1.05 12.23 2.58
C GLU A 325 -0.17 11.13 3.15
N PHE A 326 -0.14 9.98 2.48
CA PHE A 326 0.69 8.87 2.92
C PHE A 326 0.90 7.93 1.74
N LEU A 327 2.01 7.22 1.75
CA LEU A 327 2.30 6.27 0.68
C LEU A 327 1.40 5.04 0.82
N ASN A 328 1.26 4.31 -0.29
CA ASN A 328 0.41 3.13 -0.33
C ASN A 328 1.15 1.83 0.01
N TYR A 329 1.23 1.52 1.30
CA TYR A 329 1.84 0.26 1.72
C TYR A 329 0.78 -0.83 1.66
N ASP A 330 1.20 -2.08 1.77
CA ASP A 330 0.25 -3.17 1.90
C ASP A 330 -0.05 -3.21 3.38
N ILE A 331 -1.33 -3.27 3.74
CA ILE A 331 -1.69 -3.20 5.14
C ILE A 331 -2.57 -4.34 5.58
N MET A 332 -2.29 -4.81 6.78
CA MET A 332 -3.10 -5.82 7.44
C MET A 332 -3.31 -5.32 8.86
N LEU A 333 -4.56 -5.30 9.32
CA LEU A 333 -4.84 -4.82 10.67
C LEU A 333 -6.09 -5.48 11.25
N GLY A 334 -6.20 -5.47 12.57
CA GLY A 334 -7.36 -6.06 13.22
C GLY A 334 -7.46 -5.78 14.70
N VAL A 335 -8.51 -6.30 15.31
CA VAL A 335 -8.79 -6.08 16.73
C VAL A 335 -9.35 -7.36 17.35
N ASN A 336 -9.37 -7.39 18.68
CA ASN A 336 -9.89 -8.56 19.41
C ASN A 336 -11.29 -8.30 19.99
N GLN A 337 -12.08 -9.36 20.08
CA GLN A 337 -13.45 -9.26 20.57
C GLN A 337 -13.59 -8.45 21.87
N GLY A 338 -12.74 -8.76 22.85
CA GLY A 338 -12.83 -8.11 24.15
C GLY A 338 -11.58 -7.40 24.63
N GLU A 339 -11.05 -6.51 23.81
CA GLU A 339 -9.86 -5.73 24.15
C GLU A 339 -9.92 -5.16 25.56
N GLY A 340 -11.01 -4.45 25.85
CA GLY A 340 -11.18 -3.73 27.10
C GLY A 340 -11.48 -4.48 28.39
N LEU A 341 -11.01 -5.72 28.51
CA LEU A 341 -11.24 -6.48 29.73
C LEU A 341 -10.86 -5.68 30.98
N LYS A 342 -9.64 -5.16 31.01
CA LYS A 342 -9.15 -4.41 32.17
C LYS A 342 -9.95 -3.14 32.46
N PHE A 343 -10.69 -2.65 31.47
CA PHE A 343 -11.48 -1.44 31.65
C PHE A 343 -12.64 -1.66 32.62
N VAL A 344 -13.17 -2.88 32.65
CA VAL A 344 -14.31 -3.18 33.50
C VAL A 344 -13.92 -4.15 34.61
N GLU A 345 -12.85 -4.90 34.39
CA GLU A 345 -12.38 -5.89 35.36
C GLU A 345 -12.34 -5.33 36.78
N ASN A 346 -11.99 -4.05 36.91
CA ASN A 346 -11.85 -3.42 38.21
C ASN A 346 -13.16 -2.94 38.84
N ILE A 347 -14.21 -2.84 38.03
CA ILE A 347 -15.52 -2.38 38.52
C ILE A 347 -16.53 -3.52 38.65
N VAL A 348 -16.09 -4.75 38.43
CA VAL A 348 -16.97 -5.91 38.52
C VAL A 348 -17.17 -6.33 39.98
N ASP A 349 -18.42 -6.54 40.36
CA ASP A 349 -18.76 -6.97 41.71
C ASP A 349 -18.50 -8.46 41.88
N SER A 350 -18.68 -8.95 43.10
CA SER A 350 -18.46 -10.36 43.41
C SER A 350 -19.35 -11.32 42.60
N ASP A 351 -20.36 -10.77 41.92
CA ASP A 351 -21.27 -11.59 41.12
C ASP A 351 -20.95 -11.56 39.63
N ASP A 352 -19.81 -10.98 39.27
CA ASP A 352 -19.38 -10.91 37.86
C ASP A 352 -20.29 -9.99 37.04
N GLY A 353 -21.00 -9.09 37.72
CA GLY A 353 -21.90 -8.17 37.05
C GLY A 353 -21.59 -6.71 37.37
N ILE A 354 -22.21 -5.81 36.63
CA ILE A 354 -22.03 -4.37 36.86
C ILE A 354 -23.38 -3.73 37.13
N SER A 355 -23.43 -2.92 38.19
CA SER A 355 -24.65 -2.24 38.56
C SER A 355 -24.96 -1.09 37.61
N ALA A 356 -26.22 -0.66 37.59
CA ALA A 356 -26.64 0.44 36.72
C ALA A 356 -25.92 1.73 37.12
N SER A 357 -25.68 1.90 38.41
CA SER A 357 -25.01 3.10 38.92
C SER A 357 -23.53 3.08 38.54
N ASP A 358 -22.91 1.90 38.63
CA ASP A 358 -21.50 1.78 38.27
C ASP A 358 -21.36 2.03 36.78
N PHE A 359 -22.33 1.55 36.03
CA PHE A 359 -22.34 1.72 34.58
C PHE A 359 -22.37 3.21 34.26
N ASP A 360 -23.27 3.94 34.92
CA ASP A 360 -23.38 5.38 34.72
C ASP A 360 -22.09 6.08 35.07
N PHE A 361 -21.45 5.64 36.15
CA PHE A 361 -20.20 6.22 36.61
C PHE A 361 -19.10 6.02 35.58
N ALA A 362 -18.98 4.81 35.07
CA ALA A 362 -17.94 4.50 34.10
C ALA A 362 -18.08 5.39 32.89
N VAL A 363 -19.30 5.51 32.38
CA VAL A 363 -19.58 6.34 31.22
C VAL A 363 -19.28 7.78 31.57
N SER A 364 -19.70 8.22 32.74
CA SER A 364 -19.46 9.60 33.17
C SER A 364 -17.97 9.90 33.17
N ASN A 365 -17.17 8.98 33.69
CA ASN A 365 -15.73 9.14 33.73
C ASN A 365 -15.18 9.11 32.31
N PHE A 366 -15.77 8.24 31.50
CA PHE A 366 -15.38 8.06 30.11
C PHE A 366 -15.62 9.34 29.29
N VAL A 367 -16.81 9.91 29.41
CA VAL A 367 -17.16 11.12 28.69
C VAL A 367 -16.27 12.30 29.07
N ASP A 368 -16.06 12.49 30.37
CA ASP A 368 -15.25 13.60 30.85
C ASP A 368 -13.79 13.54 30.39
N ASN A 369 -13.21 12.35 30.42
CA ASN A 369 -11.82 12.17 30.06
C ASN A 369 -11.54 12.28 28.56
N LEU A 370 -12.38 11.66 27.74
CA LEU A 370 -12.18 11.69 26.31
C LEU A 370 -12.85 12.90 25.65
N TYR A 371 -14.05 13.24 26.13
CA TYR A 371 -14.81 14.35 25.57
C TYR A 371 -14.93 15.52 26.53
N GLY A 372 -13.80 16.16 26.83
CA GLY A 372 -13.77 17.28 27.75
C GLY A 372 -14.48 18.54 27.29
N TYR A 373 -15.65 18.38 26.66
CA TYR A 373 -16.43 19.53 26.21
C TYR A 373 -17.25 20.08 27.36
N PRO A 374 -17.26 21.40 27.57
CA PRO A 374 -18.03 21.95 28.68
C PRO A 374 -19.54 21.92 28.47
N GLU A 375 -19.99 22.40 27.32
CA GLU A 375 -21.42 22.44 27.01
C GLU A 375 -21.84 21.26 26.14
N GLY A 376 -22.70 20.40 26.67
CA GLY A 376 -23.22 19.28 25.91
C GLY A 376 -22.80 17.89 26.33
N LYS A 377 -21.98 17.77 27.37
CA LYS A 377 -21.54 16.45 27.82
C LYS A 377 -22.72 15.62 28.34
N ASP A 378 -23.79 16.29 28.75
CA ASP A 378 -24.97 15.61 29.28
C ASP A 378 -25.64 14.73 28.23
N VAL A 379 -26.06 15.36 27.13
CA VAL A 379 -26.68 14.64 26.03
C VAL A 379 -25.77 13.52 25.52
N LEU A 380 -24.46 13.76 25.57
CA LEU A 380 -23.49 12.78 25.12
C LEU A 380 -23.51 11.53 25.98
N ARG A 381 -23.39 11.73 27.29
CA ARG A 381 -23.39 10.62 28.23
C ARG A 381 -24.65 9.78 28.10
N GLU A 382 -25.79 10.45 28.01
CA GLU A 382 -27.07 9.76 27.90
C GLU A 382 -27.19 8.98 26.58
N THR A 383 -26.73 9.58 25.48
CA THR A 383 -26.77 8.94 24.17
C THR A 383 -25.88 7.69 24.15
N ILE A 384 -24.70 7.82 24.74
CA ILE A 384 -23.75 6.71 24.79
C ILE A 384 -24.31 5.58 25.63
N LYS A 385 -24.95 5.91 26.75
CA LYS A 385 -25.54 4.88 27.61
C LYS A 385 -26.62 4.11 26.87
N PHE A 386 -27.46 4.84 26.13
CA PHE A 386 -28.54 4.22 25.40
C PHE A 386 -28.04 3.23 24.35
N MET A 387 -27.06 3.65 23.57
CA MET A 387 -26.52 2.81 22.50
C MET A 387 -25.89 1.53 23.03
N TYR A 388 -25.22 1.62 24.18
CA TYR A 388 -24.55 0.48 24.75
C TYR A 388 -25.37 -0.21 25.84
N THR A 389 -26.67 -0.02 25.78
CA THR A 389 -27.59 -0.68 26.70
C THR A 389 -28.35 -1.74 25.91
N ASP A 390 -28.39 -2.96 26.42
CA ASP A 390 -29.12 -4.04 25.76
C ASP A 390 -30.57 -3.99 26.22
N TRP A 391 -31.43 -3.37 25.42
CA TRP A 391 -32.83 -3.17 25.81
C TRP A 391 -33.60 -4.48 25.89
N ALA A 392 -33.07 -5.53 25.27
CA ALA A 392 -33.64 -6.86 25.45
C ALA A 392 -32.77 -7.44 26.56
N ASP A 393 -33.35 -7.62 27.74
CA ASP A 393 -32.60 -8.10 28.92
C ASP A 393 -31.82 -6.95 29.56
N ARG A 394 -32.45 -5.78 29.63
CA ARG A 394 -31.81 -4.55 30.14
C ARG A 394 -31.44 -4.57 31.63
N HIS A 395 -32.01 -5.48 32.40
CA HIS A 395 -31.77 -5.53 33.85
C HIS A 395 -30.61 -6.43 34.29
N ASN A 396 -30.07 -7.21 33.35
CA ASN A 396 -28.99 -8.16 33.67
C ASN A 396 -27.65 -7.47 33.93
N PRO A 397 -27.13 -7.58 35.17
CA PRO A 397 -25.86 -6.91 35.44
C PRO A 397 -24.70 -7.48 34.62
N GLU A 398 -24.79 -8.75 34.24
CA GLU A 398 -23.72 -9.38 33.46
C GLU A 398 -23.72 -8.91 32.01
N THR A 399 -24.91 -8.70 31.45
CA THR A 399 -25.01 -8.22 30.07
C THR A 399 -24.49 -6.79 30.07
N ARG A 400 -24.75 -6.08 31.16
CA ARG A 400 -24.31 -4.70 31.31
C ARG A 400 -22.79 -4.65 31.26
N ARG A 401 -22.16 -5.65 31.88
CA ARG A 401 -20.72 -5.76 31.88
C ARG A 401 -20.18 -5.90 30.46
N LYS A 402 -20.81 -6.79 29.68
CA LYS A 402 -20.38 -7.04 28.31
C LYS A 402 -20.47 -5.81 27.43
N THR A 403 -21.59 -5.10 27.50
CA THR A 403 -21.80 -3.92 26.67
C THR A 403 -20.86 -2.78 27.07
N LEU A 404 -20.58 -2.66 28.36
CA LEU A 404 -19.68 -1.63 28.82
C LEU A 404 -18.30 -1.92 28.29
N LEU A 405 -17.93 -3.20 28.34
CA LEU A 405 -16.63 -3.64 27.84
C LEU A 405 -16.55 -3.32 26.34
N ALA A 406 -17.66 -3.53 25.65
CA ALA A 406 -17.74 -3.26 24.22
C ALA A 406 -17.54 -1.78 23.92
N LEU A 407 -18.08 -0.91 24.78
CA LEU A 407 -17.95 0.53 24.61
C LEU A 407 -16.49 0.93 24.53
N PHE A 408 -15.71 0.50 25.51
CA PHE A 408 -14.29 0.82 25.58
C PHE A 408 -13.54 0.17 24.43
N THR A 409 -13.91 -1.07 24.12
CA THR A 409 -13.30 -1.81 23.03
C THR A 409 -13.56 -1.10 21.71
N ASP A 410 -14.82 -0.75 21.47
CA ASP A 410 -15.22 -0.09 20.24
C ASP A 410 -14.51 1.25 20.06
N HIS A 411 -14.47 2.04 21.13
CA HIS A 411 -13.88 3.37 21.06
C HIS A 411 -12.37 3.40 20.93
N GLN A 412 -11.69 2.60 21.74
CA GLN A 412 -10.22 2.61 21.77
C GLN A 412 -9.56 1.73 20.71
N TRP A 413 -10.24 0.71 20.21
CA TRP A 413 -9.63 -0.20 19.24
C TRP A 413 -10.37 -0.37 17.92
N VAL A 414 -11.66 -0.71 17.97
CA VAL A 414 -12.41 -1.01 16.76
C VAL A 414 -12.61 0.20 15.85
N ALA A 415 -13.18 1.28 16.38
CA ALA A 415 -13.43 2.47 15.58
C ALA A 415 -12.17 3.04 14.93
N PRO A 416 -11.07 3.19 15.68
CA PRO A 416 -9.86 3.71 15.04
C PRO A 416 -9.31 2.80 13.96
N ALA A 417 -9.40 1.49 14.18
CA ALA A 417 -8.91 0.51 13.22
C ALA A 417 -9.70 0.56 11.92
N VAL A 418 -11.01 0.68 12.03
CA VAL A 418 -11.87 0.74 10.85
C VAL A 418 -11.58 2.03 10.10
N ALA A 419 -11.38 3.12 10.84
CA ALA A 419 -11.08 4.41 10.22
C ALA A 419 -9.79 4.30 9.41
N THR A 420 -8.81 3.60 9.96
CA THR A 420 -7.54 3.42 9.29
C THR A 420 -7.72 2.57 8.04
N ALA A 421 -8.44 1.46 8.17
CA ALA A 421 -8.68 0.56 7.06
C ALA A 421 -9.47 1.25 5.95
N ASP A 422 -10.51 1.99 6.34
CA ASP A 422 -11.34 2.69 5.37
C ASP A 422 -10.52 3.67 4.54
N LEU A 423 -9.69 4.46 5.22
CA LEU A 423 -8.89 5.46 4.55
C LEU A 423 -7.76 4.84 3.70
N HIS A 424 -7.13 3.79 4.21
CA HIS A 424 -6.07 3.13 3.47
C HIS A 424 -6.58 2.52 2.17
N SER A 425 -7.68 1.77 2.26
CA SER A 425 -8.25 1.14 1.07
C SER A 425 -8.78 2.19 0.11
N ASN A 426 -9.45 3.20 0.65
CA ASN A 426 -10.01 4.28 -0.16
C ASN A 426 -8.92 4.98 -0.96
N PHE A 427 -7.74 5.12 -0.38
CA PHE A 427 -6.65 5.81 -1.06
C PHE A 427 -5.73 4.84 -1.83
N GLY A 428 -6.19 3.62 -2.05
CA GLY A 428 -5.47 2.66 -2.85
C GLY A 428 -4.52 1.67 -2.19
N SER A 429 -4.42 1.69 -0.87
CA SER A 429 -3.55 0.76 -0.18
C SER A 429 -4.23 -0.61 -0.07
N PRO A 430 -3.56 -1.69 -0.50
CA PRO A 430 -4.18 -3.00 -0.33
C PRO A 430 -4.40 -3.31 1.15
N THR A 431 -5.65 -3.49 1.56
CA THR A 431 -5.97 -3.67 2.97
C THR A 431 -6.65 -5.00 3.30
N TYR A 432 -6.26 -5.55 4.44
CA TYR A 432 -6.84 -6.77 4.97
C TYR A 432 -7.21 -6.53 6.42
N PHE A 433 -8.42 -6.93 6.80
CA PHE A 433 -8.94 -6.68 8.15
C PHE A 433 -9.32 -7.98 8.84
N TYR A 434 -9.07 -8.06 10.15
CA TYR A 434 -9.45 -9.26 10.91
C TYR A 434 -10.04 -8.95 12.28
N ALA A 435 -10.79 -9.91 12.81
CA ALA A 435 -11.35 -9.84 14.15
C ALA A 435 -10.97 -11.12 14.88
N PHE A 436 -10.26 -10.99 15.99
CA PHE A 436 -9.79 -12.16 16.73
C PHE A 436 -10.78 -12.56 17.81
N TYR A 437 -11.46 -13.69 17.60
CA TYR A 437 -12.46 -14.17 18.55
C TYR A 437 -12.07 -15.51 19.17
N HIS A 438 -10.81 -15.62 19.59
CA HIS A 438 -10.32 -16.83 20.23
C HIS A 438 -9.17 -16.51 21.17
N HIS A 439 -8.94 -17.39 22.14
CA HIS A 439 -7.87 -17.20 23.10
C HIS A 439 -7.75 -18.46 23.96
N CYS A 440 -6.72 -18.49 24.80
CA CYS A 440 -6.51 -19.60 25.71
C CYS A 440 -6.60 -19.03 27.11
N GLN A 441 -7.63 -19.48 27.83
CA GLN A 441 -7.90 -18.97 29.17
C GLN A 441 -7.01 -19.61 30.23
N THR A 442 -6.26 -18.76 30.92
CA THR A 442 -5.43 -19.20 32.03
C THR A 442 -6.31 -19.15 33.28
N ASP A 443 -5.79 -19.62 34.40
CA ASP A 443 -6.54 -19.58 35.64
C ASP A 443 -6.42 -18.21 36.31
N GLN A 444 -5.79 -17.27 35.61
CA GLN A 444 -5.58 -15.93 36.14
C GLN A 444 -6.59 -14.92 35.58
N VAL A 445 -7.29 -15.30 34.51
CA VAL A 445 -8.28 -14.42 33.90
C VAL A 445 -9.69 -14.93 34.19
N PRO A 446 -10.68 -14.01 34.24
CA PRO A 446 -12.05 -14.45 34.49
C PRO A 446 -12.57 -15.40 33.41
N ALA A 447 -13.38 -16.38 33.82
CA ALA A 447 -13.92 -17.36 32.89
C ALA A 447 -14.87 -16.73 31.87
N TRP A 448 -15.41 -15.55 32.20
CA TRP A 448 -16.36 -14.88 31.32
C TRP A 448 -15.69 -13.99 30.26
N ALA A 449 -14.38 -13.81 30.38
CA ALA A 449 -13.66 -12.92 29.48
C ALA A 449 -13.46 -13.54 28.10
N ASP A 450 -13.53 -12.69 27.08
CA ASP A 450 -13.28 -13.09 25.69
C ASP A 450 -11.85 -12.70 25.35
N ALA A 451 -11.43 -12.93 24.10
CA ALA A 451 -10.09 -12.56 23.68
C ALA A 451 -9.81 -11.12 24.08
N ALA A 452 -8.75 -10.93 24.86
CA ALA A 452 -8.40 -9.61 25.36
C ALA A 452 -7.22 -9.02 24.59
N HIS A 453 -6.85 -7.81 24.97
CA HIS A 453 -5.73 -7.12 24.32
C HIS A 453 -4.45 -7.93 24.43
N GLY A 454 -3.83 -8.21 23.29
CA GLY A 454 -2.59 -8.96 23.27
C GLY A 454 -2.73 -10.47 23.20
N ASP A 455 -3.95 -10.98 23.36
CA ASP A 455 -4.18 -12.42 23.39
C ASP A 455 -3.86 -13.12 22.07
N GLU A 456 -3.72 -12.36 20.99
CA GLU A 456 -3.40 -12.96 19.69
C GLU A 456 -1.90 -13.19 19.52
N VAL A 457 -1.09 -12.48 20.32
CA VAL A 457 0.36 -12.57 20.22
C VAL A 457 0.89 -14.02 20.24
N PRO A 458 0.47 -14.83 21.23
CA PRO A 458 0.99 -16.20 21.30
C PRO A 458 0.72 -17.03 20.04
N TYR A 459 -0.40 -16.76 19.39
CA TYR A 459 -0.76 -17.48 18.18
C TYR A 459 0.12 -17.02 17.04
N VAL A 460 0.32 -15.71 16.94
CA VAL A 460 1.16 -15.13 15.90
C VAL A 460 2.60 -15.63 16.04
N LEU A 461 3.05 -15.83 17.28
CA LEU A 461 4.43 -16.27 17.53
C LEU A 461 4.59 -17.79 17.55
N GLY A 462 3.50 -18.53 17.40
CA GLY A 462 3.56 -19.98 17.36
C GLY A 462 3.88 -20.65 18.69
N ILE A 463 3.64 -19.95 19.78
CA ILE A 463 3.91 -20.48 21.13
C ILE A 463 3.23 -21.84 21.35
N PRO A 464 2.00 -22.02 20.87
CA PRO A 464 1.33 -23.31 21.08
C PRO A 464 2.09 -24.51 20.54
N MET A 465 2.85 -24.31 19.47
CA MET A 465 3.60 -25.39 18.84
C MET A 465 4.73 -25.94 19.71
N ILE A 466 5.23 -25.13 20.63
CA ILE A 466 6.31 -25.55 21.52
C ILE A 466 5.78 -25.72 22.93
N GLY A 467 4.46 -25.73 23.08
CA GLY A 467 3.83 -25.93 24.36
C GLY A 467 3.90 -24.71 25.27
N PRO A 468 3.27 -24.82 26.46
CA PRO A 468 3.27 -23.73 27.43
C PRO A 468 4.66 -23.24 27.79
N THR A 469 4.80 -21.93 27.95
CA THR A 469 6.09 -21.33 28.30
C THR A 469 5.96 -20.59 29.62
N GLU A 470 7.09 -20.13 30.14
CA GLU A 470 7.11 -19.41 31.40
C GLU A 470 6.31 -18.11 31.25
N LEU A 471 6.43 -17.49 30.09
CA LEU A 471 5.75 -16.24 29.80
C LEU A 471 4.28 -16.48 29.43
N PHE A 472 4.03 -17.58 28.71
CA PHE A 472 2.67 -17.93 28.29
C PHE A 472 2.33 -19.34 28.79
N PRO A 473 1.93 -19.44 30.07
CA PRO A 473 1.63 -20.70 30.76
C PRO A 473 0.30 -21.40 30.43
N CYS A 474 -0.52 -20.85 29.55
CA CYS A 474 -1.81 -21.49 29.26
C CYS A 474 -1.58 -22.89 28.68
N ASN A 475 -2.44 -23.83 29.07
CA ASN A 475 -2.34 -25.20 28.57
C ASN A 475 -2.96 -25.28 27.18
N PHE A 476 -2.18 -24.88 26.18
CA PHE A 476 -2.65 -24.84 24.81
C PHE A 476 -3.19 -26.18 24.34
N SER A 477 -4.34 -26.12 23.67
CA SER A 477 -5.02 -27.30 23.15
C SER A 477 -4.58 -27.60 21.73
N LYS A 478 -5.10 -28.68 21.17
CA LYS A 478 -4.80 -29.05 19.79
C LYS A 478 -5.32 -27.97 18.86
N ASN A 479 -6.46 -27.40 19.24
CA ASN A 479 -7.09 -26.34 18.46
C ASN A 479 -6.25 -25.07 18.49
N ASP A 480 -5.54 -24.86 19.59
CA ASP A 480 -4.68 -23.69 19.72
C ASP A 480 -3.51 -23.82 18.75
N VAL A 481 -2.99 -25.03 18.63
CA VAL A 481 -1.89 -25.31 17.73
C VAL A 481 -2.37 -25.11 16.30
N MET A 482 -3.54 -25.65 15.99
CA MET A 482 -4.11 -25.53 14.66
C MET A 482 -4.34 -24.07 14.28
N LEU A 483 -4.91 -23.29 15.19
CA LEU A 483 -5.19 -21.89 14.93
C LEU A 483 -3.89 -21.11 14.81
N SER A 484 -2.91 -21.48 15.63
CA SER A 484 -1.62 -20.81 15.63
C SER A 484 -0.94 -21.02 14.27
N ALA A 485 -1.02 -22.24 13.77
CA ALA A 485 -0.44 -22.57 12.46
C ALA A 485 -1.10 -21.72 11.38
N VAL A 486 -2.41 -21.59 11.47
CA VAL A 486 -3.19 -20.81 10.52
C VAL A 486 -2.79 -19.34 10.52
N VAL A 487 -2.70 -18.76 11.72
CA VAL A 487 -2.34 -17.36 11.84
C VAL A 487 -0.95 -17.13 11.25
N MET A 488 -0.02 -18.00 11.61
CA MET A 488 1.35 -17.88 11.12
C MET A 488 1.41 -18.05 9.61
N THR A 489 0.53 -18.88 9.08
CA THR A 489 0.47 -19.09 7.63
C THR A 489 0.00 -17.80 6.96
N TYR A 490 -1.06 -17.21 7.50
CA TYR A 490 -1.61 -15.96 6.98
C TYR A 490 -0.62 -14.82 7.10
N TRP A 491 -0.02 -14.67 8.28
CA TRP A 491 0.92 -13.59 8.53
C TRP A 491 2.12 -13.63 7.60
N THR A 492 2.73 -14.81 7.48
CA THR A 492 3.92 -14.97 6.66
C THR A 492 3.57 -14.94 5.17
N ASN A 493 2.36 -15.35 4.83
CA ASN A 493 1.92 -15.29 3.44
C ASN A 493 1.86 -13.83 3.00
N PHE A 494 1.32 -12.99 3.87
CA PHE A 494 1.24 -11.57 3.62
C PHE A 494 2.64 -11.00 3.41
N ALA A 495 3.56 -11.42 4.28
CA ALA A 495 4.94 -10.96 4.20
C ALA A 495 5.63 -11.41 2.91
N LYS A 496 5.34 -12.63 2.49
CA LYS A 496 5.96 -13.18 1.28
C LYS A 496 5.42 -12.57 -0.02
N THR A 497 4.11 -12.31 -0.07
CA THR A 497 3.50 -11.86 -1.32
C THR A 497 2.58 -10.65 -1.18
N GLY A 498 2.25 -10.27 0.05
CA GLY A 498 1.32 -9.18 0.25
C GLY A 498 -0.11 -9.68 0.22
N ASP A 499 -0.26 -11.00 0.16
CA ASP A 499 -1.57 -11.65 0.11
C ASP A 499 -1.59 -12.77 1.15
N PRO A 500 -2.47 -12.66 2.16
CA PRO A 500 -2.52 -13.72 3.19
C PRO A 500 -2.82 -15.11 2.64
N ASN A 501 -3.33 -15.18 1.42
CA ASN A 501 -3.72 -16.46 0.82
C ASN A 501 -2.62 -17.10 -0.01
N GLN A 502 -1.57 -16.34 -0.31
CA GLN A 502 -0.46 -16.85 -1.13
C GLN A 502 0.87 -16.77 -0.40
N PRO A 503 1.78 -17.73 -0.65
CA PRO A 503 1.66 -18.87 -1.56
C PRO A 503 1.27 -20.18 -0.85
N VAL A 504 1.28 -20.16 0.47
CA VAL A 504 0.99 -21.36 1.25
C VAL A 504 -0.50 -21.55 1.51
N PRO A 505 -1.09 -22.64 0.99
CA PRO A 505 -2.50 -22.92 1.25
C PRO A 505 -2.74 -23.36 2.69
N GLN A 506 -3.97 -23.23 3.18
CA GLN A 506 -4.29 -23.67 4.54
C GLN A 506 -4.56 -25.16 4.58
N ASP A 507 -3.50 -25.93 4.85
CA ASP A 507 -3.59 -27.38 4.92
C ASP A 507 -3.40 -27.85 6.36
N PRO A 515 -9.45 -31.56 11.54
CA PRO A 515 -9.58 -30.99 10.19
C PRO A 515 -9.38 -29.48 10.16
N ASN A 516 -8.61 -29.00 9.18
CA ASN A 516 -8.34 -27.58 9.01
C ASN A 516 -9.57 -26.88 8.43
N ARG A 517 -10.23 -26.07 9.27
CA ARG A 517 -11.44 -25.36 8.86
C ARG A 517 -11.19 -24.16 7.95
N PHE A 518 -9.93 -23.86 7.65
CA PHE A 518 -9.61 -22.71 6.79
C PHE A 518 -9.28 -23.16 5.37
N GLU A 519 -9.40 -24.45 5.11
CA GLU A 519 -9.08 -25.04 3.81
C GLU A 519 -9.70 -24.31 2.62
N GLU A 520 -10.97 -23.95 2.75
CA GLU A 520 -11.70 -23.26 1.67
C GLU A 520 -12.02 -21.80 1.97
N VAL A 521 -11.26 -21.18 2.86
CA VAL A 521 -11.54 -19.80 3.27
C VAL A 521 -10.47 -18.84 2.75
N ALA A 522 -10.78 -18.17 1.65
CA ALA A 522 -9.89 -17.17 1.08
C ALA A 522 -10.16 -15.81 1.72
N TRP A 523 -9.10 -15.16 2.19
CA TRP A 523 -9.21 -13.85 2.83
C TRP A 523 -9.32 -12.73 1.80
N THR A 524 -10.54 -12.27 1.55
CA THR A 524 -10.80 -11.21 0.58
C THR A 524 -10.27 -9.86 1.07
N ARG A 525 -9.83 -9.03 0.14
CA ARG A 525 -9.31 -7.70 0.47
C ARG A 525 -10.41 -6.79 1.03
N TYR A 526 -10.01 -5.92 1.95
CA TYR A 526 -10.94 -5.01 2.61
C TYR A 526 -11.17 -3.75 1.77
N SER A 527 -12.42 -3.32 1.70
CA SER A 527 -12.80 -2.12 0.99
C SER A 527 -13.87 -1.36 1.78
N GLN A 528 -13.93 -0.06 1.61
CA GLN A 528 -14.88 0.76 2.36
C GLN A 528 -16.34 0.46 1.99
N LYS A 529 -16.57 0.00 0.76
CA LYS A 529 -17.92 -0.32 0.32
C LYS A 529 -18.48 -1.63 0.88
N ASP A 530 -17.71 -2.71 0.83
CA ASP A 530 -18.16 -3.99 1.37
C ASP A 530 -17.56 -4.31 2.74
N GLN A 531 -16.43 -3.68 3.04
CA GLN A 531 -15.75 -3.87 4.33
C GLN A 531 -15.66 -5.34 4.76
N LEU A 532 -15.16 -6.18 3.87
CA LEU A 532 -14.99 -7.60 4.19
C LEU A 532 -13.82 -7.80 5.15
N TYR A 533 -14.02 -8.67 6.13
CA TYR A 533 -12.96 -8.97 7.08
C TYR A 533 -12.96 -10.45 7.43
N LEU A 534 -11.84 -10.95 7.92
CA LEU A 534 -11.73 -12.35 8.30
C LEU A 534 -12.03 -12.55 9.78
N HIS A 535 -13.01 -13.41 10.07
CA HIS A 535 -13.34 -13.74 11.45
C HIS A 535 -12.40 -14.87 11.87
N ILE A 536 -11.41 -14.54 12.69
CA ILE A 536 -10.42 -15.52 13.13
C ILE A 536 -10.85 -16.23 14.42
N GLY A 537 -11.19 -17.50 14.28
CA GLY A 537 -11.62 -18.32 15.39
C GLY A 537 -11.67 -19.79 14.99
N LEU A 538 -12.26 -20.62 15.83
CA LEU A 538 -12.34 -22.04 15.54
C LEU A 538 -13.39 -22.32 14.46
N LYS A 539 -14.21 -21.31 14.17
CA LYS A 539 -15.19 -21.38 13.10
C LYS A 539 -14.98 -20.16 12.23
N PRO A 540 -13.84 -20.14 11.50
CA PRO A 540 -13.47 -18.99 10.66
C PRO A 540 -14.31 -18.85 9.42
N ARG A 541 -14.44 -17.61 8.94
CA ARG A 541 -15.19 -17.31 7.75
C ARG A 541 -15.16 -15.80 7.50
N VAL A 542 -15.41 -15.40 6.26
CA VAL A 542 -15.39 -13.99 5.89
C VAL A 542 -16.74 -13.35 6.14
N LYS A 543 -16.73 -12.19 6.79
CA LYS A 543 -17.94 -11.44 7.08
C LYS A 543 -17.83 -10.04 6.49
N GLU A 544 -18.86 -9.22 6.72
CA GLU A 544 -18.87 -7.86 6.20
C GLU A 544 -19.26 -6.84 7.26
N HIS A 545 -18.74 -5.63 7.12
CA HIS A 545 -19.08 -4.50 7.97
C HIS A 545 -19.04 -4.81 9.47
N TYR A 546 -17.85 -5.13 9.99
CA TYR A 546 -17.66 -5.43 11.41
C TYR A 546 -18.24 -4.34 12.30
N ARG A 547 -19.18 -4.71 13.16
CA ARG A 547 -19.82 -3.78 14.10
C ARG A 547 -20.10 -2.41 13.47
N ALA A 548 -20.61 -2.41 12.25
CA ALA A 548 -20.87 -1.19 11.50
C ALA A 548 -21.66 -0.13 12.26
N ASN A 549 -22.70 -0.55 12.96
CA ASN A 549 -23.57 0.37 13.69
C ASN A 549 -22.83 1.12 14.79
N LYS A 550 -22.15 0.39 15.66
CA LYS A 550 -21.44 0.99 16.78
C LYS A 550 -20.23 1.78 16.31
N VAL A 551 -19.56 1.30 15.27
CA VAL A 551 -18.38 1.96 14.73
C VAL A 551 -18.73 3.32 14.15
N ASN A 552 -19.83 3.38 13.41
CA ASN A 552 -20.26 4.61 12.77
C ASN A 552 -20.74 5.65 13.78
N LEU A 553 -21.16 5.18 14.96
CA LEU A 553 -21.61 6.08 16.01
C LEU A 553 -20.46 6.99 16.43
N TRP A 554 -19.30 6.37 16.67
CA TRP A 554 -18.12 7.09 17.12
C TRP A 554 -17.47 7.91 16.02
N LEU A 555 -17.51 7.39 14.79
CA LEU A 555 -16.84 8.04 13.66
C LEU A 555 -17.66 9.13 12.97
N GLU A 556 -18.99 9.06 13.06
CA GLU A 556 -19.83 10.05 12.38
C GLU A 556 -20.73 10.90 13.27
N LEU A 557 -21.55 10.27 14.10
CA LEU A 557 -22.49 11.01 14.92
C LEU A 557 -21.88 11.79 16.09
N VAL A 558 -21.06 11.14 16.90
CA VAL A 558 -20.47 11.80 18.07
C VAL A 558 -19.72 13.06 17.66
N PRO A 559 -18.85 12.98 16.64
CA PRO A 559 -18.14 14.18 16.19
C PRO A 559 -19.09 15.32 15.83
N HIS A 560 -20.26 14.96 15.31
CA HIS A 560 -21.28 15.92 14.92
C HIS A 560 -21.80 16.64 16.16
N LEU A 561 -21.99 15.90 17.25
CA LEU A 561 -22.51 16.46 18.49
C LEU A 561 -21.56 17.49 19.10
N HIS A 562 -20.38 17.63 18.51
CA HIS A 562 -19.40 18.60 18.99
C HIS A 562 -19.84 20.03 18.68
N ASN A 563 -20.85 20.16 17.82
CA ASN A 563 -21.40 21.46 17.42
C ASN A 563 -20.56 22.13 16.34
N LEU A 564 -19.60 21.39 15.77
CA LEU A 564 -18.73 21.91 14.73
C LEU A 564 -18.21 23.30 15.05
N GLN B 1 35.33 10.74 10.14
CA GLN B 1 35.29 11.82 9.16
C GLN B 1 35.19 13.18 9.86
N GLY B 2 36.32 13.88 9.91
CA GLY B 2 36.39 15.14 10.64
C GLY B 2 35.47 16.24 10.15
N VAL B 3 35.52 16.52 8.85
CA VAL B 3 34.84 17.68 8.28
C VAL B 3 33.53 17.30 7.60
N TYR B 4 33.41 16.05 7.16
CA TYR B 4 32.18 15.59 6.53
C TYR B 4 31.01 15.83 7.49
N ALA B 5 30.01 16.55 7.02
CA ALA B 5 28.83 16.86 7.82
C ALA B 5 27.57 16.31 7.17
N PRO B 6 26.64 15.76 7.97
CA PRO B 6 25.40 15.22 7.42
C PRO B 6 24.57 16.30 6.74
N ALA B 7 23.69 15.91 5.82
CA ALA B 7 22.91 16.88 5.07
C ALA B 7 21.93 17.61 5.99
N GLN B 8 21.60 18.84 5.63
CA GLN B 8 20.61 19.62 6.37
C GLN B 8 19.77 20.44 5.41
N ALA B 9 18.45 20.29 5.50
CA ALA B 9 17.54 20.94 4.54
C ALA B 9 16.68 22.01 5.21
N GLN B 10 16.25 23.00 4.42
CA GLN B 10 15.31 24.01 4.88
C GLN B 10 14.45 24.52 3.73
N ILE B 11 13.13 24.44 3.88
CA ILE B 11 12.20 24.86 2.85
C ILE B 11 11.94 26.36 2.95
N ILE B 12 11.88 27.03 1.80
CA ILE B 12 11.62 28.47 1.73
C ILE B 12 10.46 28.72 0.77
N HIS B 13 9.71 29.80 1.00
CA HIS B 13 8.49 30.07 0.25
C HIS B 13 8.75 31.14 -0.80
N ALA B 14 8.17 30.97 -1.99
CA ALA B 14 8.32 31.94 -3.05
C ALA B 14 7.12 31.95 -3.99
N GLY B 15 7.30 32.51 -5.19
CA GLY B 15 6.22 32.60 -6.15
C GLY B 15 5.04 33.33 -5.57
N GLN B 16 3.85 33.04 -6.05
CA GLN B 16 2.65 33.71 -5.54
C GLN B 16 2.13 32.93 -4.35
N ALA B 17 1.85 33.64 -3.27
CA ALA B 17 1.23 33.04 -2.11
C ALA B 17 0.18 33.98 -1.52
N CYS B 18 -0.22 33.76 -0.28
CA CYS B 18 -1.28 34.53 0.33
C CYS B 18 -0.99 34.77 1.81
N VAL B 19 -1.51 35.87 2.34
CA VAL B 19 -1.54 36.08 3.78
C VAL B 19 -0.14 35.96 4.37
N GLU B 27 2.58 28.72 8.57
CA GLU B 27 3.72 28.15 9.27
C GLU B 27 4.40 27.08 8.43
N ARG B 28 3.82 25.88 8.43
CA ARG B 28 4.41 24.73 7.76
C ARG B 28 3.73 24.44 6.43
N VAL B 29 2.76 25.27 6.05
CA VAL B 29 1.92 24.97 4.89
C VAL B 29 2.01 26.16 3.94
N TYR B 30 1.93 25.86 2.64
CA TYR B 30 2.09 26.87 1.60
C TYR B 30 0.79 27.06 0.81
N THR B 31 -0.01 28.02 1.24
CA THR B 31 -1.34 28.23 0.66
C THR B 31 -1.26 29.21 -0.51
N ILE B 32 -1.81 28.82 -1.65
CA ILE B 32 -1.89 29.70 -2.81
C ILE B 32 -3.20 29.52 -3.55
N ARG B 33 -3.56 30.52 -4.33
CA ARG B 33 -4.78 30.49 -5.13
C ARG B 33 -4.60 29.62 -6.37
N GLU B 34 -5.64 28.88 -6.72
CA GLU B 34 -5.59 28.02 -7.89
C GLU B 34 -5.31 28.88 -9.12
N GLY B 35 -4.45 28.39 -10.00
CA GLY B 35 -4.12 29.12 -11.21
C GLY B 35 -2.85 29.94 -11.09
N ASP B 36 -2.44 30.21 -9.86
CA ASP B 36 -1.21 30.95 -9.61
C ASP B 36 0.00 30.02 -9.79
N THR B 37 1.19 30.50 -9.45
CA THR B 37 2.40 29.73 -9.61
C THR B 37 3.09 29.44 -8.29
N LEU B 38 3.43 28.17 -8.10
CA LEU B 38 4.13 27.73 -6.90
C LEU B 38 5.63 27.77 -7.12
N VAL B 39 6.35 28.26 -6.11
CA VAL B 39 7.80 28.25 -6.13
C VAL B 39 8.32 27.94 -4.73
N LEU B 40 8.79 26.72 -4.54
CA LEU B 40 9.39 26.33 -3.26
C LEU B 40 10.86 26.06 -3.50
N GLN B 41 11.70 26.60 -2.61
CA GLN B 41 13.14 26.39 -2.70
C GLN B 41 13.62 25.62 -1.48
N CYS B 42 14.52 24.66 -1.71
CA CYS B 42 15.08 23.87 -0.62
C CYS B 42 16.56 24.18 -0.45
N LEU B 43 16.89 24.96 0.58
CA LEU B 43 18.26 25.28 0.89
C LEU B 43 18.89 24.14 1.68
N VAL B 44 20.11 23.78 1.31
CA VAL B 44 20.76 22.63 1.91
C VAL B 44 22.21 22.95 2.27
N THR B 45 22.72 22.25 3.28
CA THR B 45 24.11 22.36 3.68
C THR B 45 24.66 20.98 4.01
N GLY B 46 25.94 20.93 4.36
CA GLY B 46 26.63 19.66 4.62
C GLY B 46 27.66 19.32 3.57
N HIS B 47 28.62 18.50 3.96
CA HIS B 47 29.74 18.15 3.09
C HIS B 47 29.91 16.63 3.03
N PRO B 48 30.03 16.04 1.83
CA PRO B 48 30.01 16.68 0.51
C PRO B 48 28.64 17.28 0.20
N ARG B 49 28.59 18.20 -0.76
CA ARG B 49 27.35 18.89 -1.06
C ARG B 49 26.23 17.89 -1.43
N PRO B 50 25.19 17.80 -0.59
CA PRO B 50 24.12 16.82 -0.82
C PRO B 50 23.27 17.15 -2.04
N GLN B 51 22.70 16.11 -2.66
CA GLN B 51 21.79 16.32 -3.78
C GLN B 51 20.38 16.49 -3.22
N VAL B 52 19.53 17.19 -3.97
CA VAL B 52 18.19 17.51 -3.52
C VAL B 52 17.16 17.09 -4.57
N ARG B 53 16.13 16.37 -4.13
CA ARG B 53 15.00 16.06 -4.99
C ARG B 53 13.67 16.32 -4.28
N TRP B 54 12.81 17.07 -4.96
CA TRP B 54 11.45 17.30 -4.48
C TRP B 54 10.56 16.17 -4.94
N THR B 55 9.83 15.55 -4.02
CA THR B 55 8.89 14.50 -4.37
C THR B 55 7.54 14.73 -3.70
N LYS B 56 6.56 13.91 -4.05
CA LYS B 56 5.22 14.03 -3.49
C LYS B 56 4.73 12.71 -2.91
N THR B 57 3.83 12.81 -1.93
CA THR B 57 3.31 11.65 -1.23
C THR B 57 1.79 11.64 -1.35
N ALA B 58 1.26 10.72 -2.14
CA ALA B 58 -0.17 10.66 -2.39
C ALA B 58 -0.64 9.23 -2.63
N GLY B 59 -1.82 8.91 -2.13
CA GLY B 59 -2.44 7.63 -2.38
C GLY B 59 -2.58 7.35 -3.86
N SER B 60 -1.93 6.29 -4.31
CA SER B 60 -1.85 5.95 -5.73
C SER B 60 -3.18 5.97 -6.47
N ALA B 61 -4.26 5.65 -5.76
CA ALA B 61 -5.53 5.34 -6.43
C ALA B 61 -6.64 6.35 -6.15
N SER B 62 -6.32 7.56 -5.70
CA SER B 62 -7.39 8.51 -5.41
C SER B 62 -6.98 9.98 -5.41
N ASP B 63 -7.87 10.80 -5.98
CA ASP B 63 -7.82 12.25 -5.87
C ASP B 63 -6.49 12.85 -6.34
N LYS B 64 -5.96 13.81 -5.58
CA LYS B 64 -4.76 14.55 -5.96
C LYS B 64 -3.51 13.65 -5.96
N PHE B 65 -3.30 12.95 -7.06
CA PHE B 65 -2.13 12.08 -7.20
C PHE B 65 -1.38 12.33 -8.50
N GLN B 66 -0.07 12.59 -8.36
CA GLN B 66 0.83 12.65 -9.50
C GLN B 66 2.17 12.04 -9.10
N GLU B 67 2.84 11.41 -10.05
CA GLU B 67 4.17 10.86 -9.81
C GLU B 67 5.20 11.93 -10.19
N THR B 68 5.79 12.56 -9.19
CA THR B 68 6.50 13.82 -9.40
C THR B 68 7.85 13.89 -8.70
N SER B 69 8.86 13.28 -9.31
CA SER B 69 10.19 13.22 -8.72
C SER B 69 11.11 14.13 -9.54
N VAL B 70 11.38 15.32 -9.02
CA VAL B 70 12.27 16.27 -9.69
C VAL B 70 13.56 16.53 -8.92
N LEU B 71 14.68 16.45 -9.63
CA LEU B 71 16.00 16.67 -9.04
C LEU B 71 16.38 18.14 -9.20
N ASN B 72 15.99 18.93 -8.21
CA ASN B 72 16.09 20.39 -8.26
C ASN B 72 15.81 20.99 -6.90
N GLU B 73 16.63 21.95 -6.50
CA GLU B 73 16.47 22.59 -5.20
C GLU B 73 15.25 23.51 -5.21
N THR B 74 14.65 23.70 -6.39
CA THR B 74 13.44 24.51 -6.52
C THR B 74 12.29 23.72 -7.14
N LEU B 75 11.16 23.70 -6.44
CA LEU B 75 9.97 23.08 -6.98
C LEU B 75 9.15 24.18 -7.64
N ARG B 76 8.76 23.95 -8.90
CA ARG B 76 8.04 24.96 -9.66
C ARG B 76 6.83 24.35 -10.33
N ILE B 77 5.65 24.84 -9.98
CA ILE B 77 4.41 24.39 -10.57
C ILE B 77 3.68 25.65 -11.03
N GLU B 78 3.64 25.86 -12.33
CA GLU B 78 2.99 27.03 -12.89
C GLU B 78 1.52 26.75 -13.13
N LYS B 79 0.68 27.74 -12.86
CA LYS B 79 -0.76 27.59 -13.05
C LYS B 79 -1.22 26.35 -12.28
N ILE B 80 -1.02 26.38 -10.97
CA ILE B 80 -1.33 25.21 -10.15
C ILE B 80 -2.82 24.85 -10.26
N GLN B 81 -3.13 23.60 -9.97
CA GLN B 81 -4.50 23.11 -10.00
C GLN B 81 -4.85 22.43 -8.69
N ARG B 82 -6.14 22.14 -8.50
CA ARG B 82 -6.62 21.44 -7.32
C ARG B 82 -5.81 20.19 -7.03
N LEU B 83 -5.69 19.34 -8.03
CA LEU B 83 -5.08 18.02 -7.85
C LEU B 83 -3.59 18.12 -7.59
N GLN B 84 -2.95 19.16 -8.14
CA GLN B 84 -1.51 19.34 -7.95
C GLN B 84 -1.18 19.64 -6.49
N GLY B 85 -2.20 20.00 -5.71
CA GLY B 85 -2.08 20.17 -4.28
C GLY B 85 -1.72 18.89 -3.52
N GLY B 86 -1.33 19.05 -2.26
CA GLY B 86 -0.98 17.92 -1.41
C GLY B 86 0.21 18.17 -0.50
N ARG B 87 0.90 17.10 -0.10
CA ARG B 87 2.07 17.23 0.78
C ARG B 87 3.33 16.91 0.00
N TYR B 88 4.30 17.83 0.01
CA TYR B 88 5.56 17.60 -0.69
C TYR B 88 6.70 17.52 0.32
N TYR B 89 7.72 16.72 0.04
CA TYR B 89 8.88 16.63 0.94
C TYR B 89 10.17 16.80 0.14
N CYS B 90 11.08 17.63 0.67
CA CYS B 90 12.41 17.78 0.09
C CYS B 90 13.45 16.91 0.79
N LYS B 91 13.98 15.94 0.05
CA LYS B 91 15.01 15.02 0.57
C LYS B 91 16.40 15.43 0.12
N ALA B 92 17.34 15.48 1.06
CA ALA B 92 18.72 15.86 0.76
C ALA B 92 19.71 14.90 1.41
N GLU B 93 20.57 14.30 0.59
CA GLU B 93 21.55 13.33 1.07
C GLU B 93 22.92 13.54 0.43
N ASN B 94 23.96 13.06 1.11
CA ASN B 94 25.34 13.23 0.64
C ASN B 94 26.21 12.02 0.97
N GLY B 95 25.61 11.00 1.58
CA GLY B 95 26.35 9.81 1.95
C GLY B 95 26.73 9.77 3.42
N VAL B 96 27.04 10.93 3.98
CA VAL B 96 27.43 11.00 5.39
C VAL B 96 26.17 11.16 6.25
N GLY B 97 25.89 10.13 7.05
CA GLY B 97 24.79 10.18 7.99
C GLY B 97 23.44 9.88 7.37
N VAL B 98 22.39 10.36 8.03
CA VAL B 98 21.01 10.14 7.59
C VAL B 98 20.55 11.28 6.68
N PRO B 99 19.87 10.94 5.57
CA PRO B 99 19.37 12.01 4.69
C PRO B 99 18.50 13.02 5.42
N ALA B 100 18.52 14.27 4.95
CA ALA B 100 17.72 15.32 5.57
C ALA B 100 16.39 15.42 4.85
N ILE B 101 15.31 15.52 5.62
CA ILE B 101 13.99 15.62 5.03
C ILE B 101 13.21 16.76 5.68
N LYS B 102 12.47 17.49 4.85
CA LYS B 102 11.60 18.56 5.31
C LYS B 102 10.29 18.44 4.58
N SER B 103 9.20 18.68 5.30
CA SER B 103 7.87 18.50 4.75
C SER B 103 7.17 19.84 4.58
N ILE B 104 6.23 19.87 3.65
CA ILE B 104 5.40 21.05 3.47
C ILE B 104 4.09 20.65 2.82
N ARG B 105 3.02 21.33 3.21
CA ARG B 105 1.70 21.09 2.65
C ARG B 105 1.34 22.27 1.77
N VAL B 106 1.12 22.00 0.49
CA VAL B 106 0.67 23.04 -0.42
C VAL B 106 -0.84 22.94 -0.40
N ASP B 107 -1.51 24.03 -0.07
CA ASP B 107 -2.97 24.03 0.04
C ASP B 107 -3.57 24.98 -0.98
N VAL B 108 -3.74 24.48 -2.20
CA VAL B 108 -4.38 25.25 -3.25
C VAL B 108 -5.82 25.54 -2.84
N GLN B 109 -6.25 26.77 -3.08
CA GLN B 109 -7.57 27.22 -2.63
C GLN B 109 -8.40 27.70 -3.82
N TYR B 110 -9.72 27.64 -3.65
CA TYR B 110 -10.62 27.91 -4.75
C TYR B 110 -12.05 28.08 -4.26
N LEU B 111 -12.92 28.50 -5.16
CA LEU B 111 -14.34 28.63 -4.86
C LEU B 111 -15.14 28.55 -6.15
N ASP B 112 -15.65 27.36 -6.45
CA ASP B 112 -16.44 27.15 -7.66
C ASP B 112 -17.76 27.89 -7.55
N GLU B 113 -18.52 27.86 -8.64
CA GLU B 113 -19.82 28.50 -8.67
C GLU B 113 -20.81 27.63 -7.90
N PRO B 114 -21.62 28.24 -7.02
CA PRO B 114 -22.52 27.39 -6.24
C PRO B 114 -23.67 26.82 -7.08
N VAL B 115 -24.18 25.67 -6.67
CA VAL B 115 -25.33 25.07 -7.31
C VAL B 115 -26.54 25.26 -6.41
N LEU B 116 -27.65 25.66 -7.03
CA LEU B 116 -28.88 25.87 -6.28
C LEU B 116 -30.00 24.99 -6.81
N THR B 117 -30.50 24.14 -5.95
CA THR B 117 -31.58 23.22 -6.31
C THR B 117 -32.69 23.40 -5.28
N VAL B 118 -33.90 22.94 -5.61
CA VAL B 118 -35.05 23.17 -4.75
C VAL B 118 -36.00 22.00 -4.82
N HIS B 119 -36.66 21.69 -3.71
CA HIS B 119 -37.59 20.57 -3.66
C HIS B 119 -38.87 20.92 -2.91
N GLN B 120 -39.99 20.48 -3.47
CA GLN B 120 -41.31 20.71 -2.89
C GLN B 120 -41.71 19.58 -1.94
N THR B 121 -42.82 19.77 -1.24
CA THR B 121 -43.33 18.75 -0.33
C THR B 121 -44.83 18.93 -0.14
N PHE B 129 -53.04 16.29 8.88
CA PHE B 129 -51.95 16.57 7.94
C PHE B 129 -52.39 17.59 6.89
N TYR B 130 -51.68 17.60 5.76
CA TYR B 130 -52.10 18.31 4.54
C TYR B 130 -52.37 19.80 4.75
N GLN B 131 -51.78 20.40 5.79
CA GLN B 131 -52.03 21.81 6.08
C GLN B 131 -51.07 22.78 5.38
N GLU B 132 -49.77 22.60 5.59
CA GLU B 132 -48.75 23.52 5.05
C GLU B 132 -47.84 22.93 3.98
N LYS B 133 -47.63 23.70 2.91
CA LYS B 133 -46.73 23.32 1.84
C LYS B 133 -45.32 23.79 2.19
N THR B 134 -44.33 22.94 2.00
CA THR B 134 -42.95 23.27 2.36
C THR B 134 -41.94 23.01 1.23
N VAL B 135 -41.12 24.02 0.96
CA VAL B 135 -40.07 23.93 -0.05
C VAL B 135 -38.68 23.98 0.59
N PHE B 136 -37.77 23.14 0.10
CA PHE B 136 -36.38 23.13 0.57
C PHE B 136 -35.41 23.65 -0.48
N LEU B 137 -34.76 24.77 -0.20
CA LEU B 137 -33.75 25.32 -1.11
C LEU B 137 -32.35 24.88 -0.69
N ARG B 138 -31.79 23.93 -1.45
CA ARG B 138 -30.48 23.37 -1.16
C ARG B 138 -29.37 24.07 -1.96
N CYS B 139 -28.34 24.54 -1.26
CA CYS B 139 -27.21 25.22 -1.91
C CYS B 139 -25.91 24.46 -1.68
N THR B 140 -25.28 24.02 -2.77
CA THR B 140 -24.07 23.21 -2.71
C THR B 140 -22.93 23.88 -3.48
N VAL B 141 -21.72 23.79 -2.94
CA VAL B 141 -20.54 24.30 -3.64
C VAL B 141 -19.26 23.58 -3.22
N ASN B 142 -18.40 23.31 -4.19
CA ASN B 142 -17.08 22.75 -3.93
C ASN B 142 -16.08 23.89 -3.73
N SER B 143 -15.38 23.88 -2.59
CA SER B 143 -14.46 24.95 -2.27
C SER B 143 -13.40 24.55 -1.24
N ASN B 144 -12.22 25.15 -1.38
CA ASN B 144 -11.17 25.05 -0.36
C ASN B 144 -10.68 26.46 -0.03
N PRO B 145 -10.78 26.87 1.24
CA PRO B 145 -11.34 26.18 2.41
C PRO B 145 -12.83 25.92 2.31
N PRO B 146 -13.41 25.25 3.32
CA PRO B 146 -14.86 25.12 3.45
C PRO B 146 -15.57 26.47 3.34
N ALA B 147 -16.66 26.49 2.60
CA ALA B 147 -17.34 27.75 2.30
C ALA B 147 -18.29 28.21 3.40
N ARG B 148 -18.60 29.51 3.37
CA ARG B 148 -19.61 30.11 4.23
C ARG B 148 -20.81 30.50 3.38
N PHE B 149 -22.01 30.14 3.85
CA PHE B 149 -23.24 30.39 3.10
C PHE B 149 -24.04 31.55 3.69
N ILE B 150 -24.60 32.37 2.82
CA ILE B 150 -25.55 33.39 3.24
C ILE B 150 -26.76 33.40 2.31
N TRP B 151 -27.94 33.32 2.91
CA TRP B 151 -29.18 33.33 2.16
C TRP B 151 -29.81 34.72 2.18
N LYS B 152 -30.51 35.08 1.12
CA LYS B 152 -31.24 36.33 1.09
C LYS B 152 -32.40 36.29 0.10
N ARG B 153 -33.46 36.98 0.47
CA ARG B 153 -34.62 37.20 -0.38
C ARG B 153 -34.71 38.71 -0.64
N GLY B 154 -33.63 39.26 -1.18
CA GLY B 154 -33.43 40.70 -1.22
C GLY B 154 -32.85 41.21 0.10
N ALA B 155 -33.34 40.67 1.21
CA ALA B 155 -32.80 40.96 2.53
C ALA B 155 -32.24 39.66 3.11
N GLU B 156 -31.24 39.76 3.99
CA GLU B 156 -30.62 38.57 4.57
C GLU B 156 -31.62 37.87 5.48
N THR B 157 -31.67 36.55 5.38
CA THR B 157 -32.58 35.75 6.20
C THR B 157 -31.93 35.07 7.41
N LEU B 158 -32.68 35.05 8.51
CA LEU B 158 -32.25 34.39 9.74
C LEU B 158 -33.37 33.43 10.15
N SER B 159 -33.26 32.85 11.35
CA SER B 159 -34.26 31.91 11.83
C SER B 159 -35.66 32.51 11.79
N HIS B 160 -35.73 33.83 12.00
CA HIS B 160 -36.99 34.57 11.96
C HIS B 160 -37.88 34.11 10.81
N VAL B 166 -38.35 30.91 9.34
CA VAL B 166 -37.81 29.82 8.56
C VAL B 166 -36.46 29.38 9.12
N ASP B 167 -36.02 28.19 8.72
CA ASP B 167 -34.87 27.55 9.37
C ASP B 167 -33.72 27.32 8.38
N ILE B 168 -32.49 27.46 8.87
CA ILE B 168 -31.29 27.16 8.08
C ILE B 168 -30.40 26.17 8.82
N TYR B 169 -29.75 25.26 8.09
CA TYR B 169 -28.85 24.30 8.73
C TYR B 169 -28.00 23.51 7.73
N GLU B 170 -27.01 22.78 8.25
CA GLU B 170 -26.22 21.86 7.44
C GLU B 170 -26.61 20.41 7.73
N PRO B 171 -27.02 19.65 6.71
CA PRO B 171 -27.38 18.25 6.98
C PRO B 171 -26.16 17.32 7.12
N LEU B 172 -26.41 16.10 7.59
CA LEU B 172 -25.37 15.06 7.69
C LEU B 172 -24.99 14.71 6.26
N TYR B 173 -23.93 13.94 6.09
CA TYR B 173 -23.49 13.47 4.79
C TYR B 173 -23.12 14.68 3.93
N THR B 174 -22.60 15.71 4.60
CA THR B 174 -22.06 16.88 3.93
C THR B 174 -20.94 17.43 4.80
N GLN B 175 -19.82 17.75 4.17
CA GLN B 175 -18.65 18.22 4.89
C GLN B 175 -18.55 19.74 4.76
N GLY B 176 -19.67 20.42 5.04
CA GLY B 176 -19.71 21.87 5.00
C GLY B 176 -19.92 22.43 3.60
N GLU B 177 -20.03 21.55 2.60
CA GLU B 177 -20.25 22.01 1.24
C GLU B 177 -21.72 22.33 0.97
N THR B 178 -22.60 22.02 1.93
CA THR B 178 -24.04 22.19 1.69
C THR B 178 -24.80 22.87 2.83
N LYS B 179 -25.67 23.79 2.46
CA LYS B 179 -26.65 24.39 3.36
C LYS B 179 -28.02 24.39 2.70
N VAL B 180 -29.06 24.25 3.51
CA VAL B 180 -30.42 24.21 2.99
C VAL B 180 -31.26 25.28 3.68
N LEU B 181 -32.06 25.98 2.88
CA LEU B 181 -32.99 26.98 3.39
C LEU B 181 -34.40 26.40 3.39
N LYS B 182 -34.96 26.21 4.58
CA LYS B 182 -36.28 25.60 4.72
C LYS B 182 -37.38 26.63 4.86
N LEU B 183 -38.36 26.59 3.96
CA LEU B 183 -39.52 27.47 4.05
C LEU B 183 -40.70 26.63 4.52
N LYS B 184 -40.90 26.60 5.84
CA LYS B 184 -41.88 25.71 6.46
C LYS B 184 -43.31 26.01 5.99
N ASN B 185 -43.68 27.28 6.03
CA ASN B 185 -45.00 27.70 5.57
C ASN B 185 -44.80 28.62 4.38
N LEU B 186 -45.36 28.24 3.23
CA LEU B 186 -45.14 29.02 2.02
C LEU B 186 -46.21 30.09 1.86
N ARG B 187 -45.94 31.24 2.44
CA ARG B 187 -46.81 32.41 2.39
C ARG B 187 -46.49 33.22 1.14
N PRO B 188 -47.40 34.13 0.74
CA PRO B 188 -47.22 34.80 -0.55
C PRO B 188 -45.92 35.61 -0.68
N GLN B 189 -45.51 36.29 0.38
CA GLN B 189 -44.29 37.10 0.31
C GLN B 189 -43.08 36.23 -0.02
N ASP B 190 -43.15 34.95 0.34
CA ASP B 190 -42.03 34.04 0.12
C ASP B 190 -41.83 33.74 -1.36
N TYR B 191 -42.87 33.93 -2.17
CA TYR B 191 -42.73 33.72 -3.60
C TYR B 191 -41.89 34.86 -4.16
N ALA B 192 -40.57 34.69 -4.09
CA ALA B 192 -39.64 35.71 -4.55
C ALA B 192 -38.37 35.07 -5.09
N SER B 193 -37.42 35.90 -5.48
CA SER B 193 -36.13 35.42 -5.97
C SER B 193 -35.19 35.18 -4.80
N TYR B 194 -34.88 33.91 -4.56
CA TYR B 194 -33.92 33.54 -3.52
C TYR B 194 -32.53 33.36 -4.12
N THR B 195 -31.54 33.91 -3.43
CA THR B 195 -30.16 33.87 -3.89
C THR B 195 -29.24 33.36 -2.80
N CYS B 196 -28.46 32.32 -3.14
CA CYS B 196 -27.46 31.78 -2.24
C CYS B 196 -26.13 32.48 -2.50
N GLN B 197 -25.61 33.19 -1.51
CA GLN B 197 -24.34 33.88 -1.61
C GLN B 197 -23.30 33.17 -0.77
N VAL B 198 -22.33 32.57 -1.43
CA VAL B 198 -21.34 31.76 -0.75
C VAL B 198 -19.99 32.47 -0.76
N SER B 199 -19.30 32.44 0.38
CA SER B 199 -18.03 33.15 0.54
C SER B 199 -16.96 32.22 1.05
N VAL B 200 -15.71 32.51 0.70
CA VAL B 200 -14.57 31.75 1.18
C VAL B 200 -13.72 32.64 2.09
N ARG B 201 -14.36 33.65 2.68
CA ARG B 201 -13.70 34.54 3.61
C ARG B 201 -12.65 35.43 2.93
N ASN B 202 -12.71 35.50 1.60
CA ASN B 202 -11.78 36.30 0.82
C ASN B 202 -10.31 35.94 1.05
N VAL B 203 -10.04 34.75 1.56
CA VAL B 203 -8.67 34.28 1.72
C VAL B 203 -8.05 34.08 0.35
N CYS B 204 -6.75 34.36 0.24
CA CYS B 204 -6.07 34.38 -1.05
C CYS B 204 -6.77 35.34 -2.00
N SER B 205 -7.40 36.37 -1.43
CA SER B 205 -8.11 37.37 -2.20
C SER B 205 -9.02 36.72 -3.24
N ILE B 206 -9.92 35.85 -2.78
CA ILE B 206 -10.84 35.17 -3.67
C ILE B 206 -12.23 35.77 -3.47
N PRO B 207 -12.88 36.20 -4.57
CA PRO B 207 -14.18 36.87 -4.46
C PRO B 207 -15.31 35.90 -4.11
N ASP B 208 -16.34 36.40 -3.42
CA ASP B 208 -17.53 35.60 -3.15
C ASP B 208 -18.27 35.34 -4.46
N LYS B 209 -19.22 34.41 -4.43
CA LYS B 209 -20.02 34.10 -5.60
C LYS B 209 -21.47 33.84 -5.22
N SER B 210 -22.38 34.14 -6.13
CA SER B 210 -23.82 34.06 -5.87
C SER B 210 -24.56 33.32 -6.97
N ILE B 211 -25.65 32.66 -6.60
CA ILE B 211 -26.57 32.09 -7.56
C ILE B 211 -27.98 32.35 -7.07
N THR B 212 -28.89 32.68 -7.99
CA THR B 212 -30.26 33.01 -7.62
C THR B 212 -31.28 32.10 -8.31
N PHE B 213 -32.44 31.93 -7.69
CA PHE B 213 -33.52 31.17 -8.30
C PHE B 213 -34.87 31.89 -8.11
N GLN B 214 -35.71 31.79 -9.14
CA GLN B 214 -37.02 32.43 -9.13
C GLN B 214 -38.11 31.48 -8.63
N LEU B 215 -38.39 31.53 -7.34
CA LEU B 215 -39.43 30.70 -6.75
C LEU B 215 -40.82 31.28 -6.97
N THR B 216 -41.62 30.54 -7.72
CA THR B 216 -42.97 30.96 -8.08
C THR B 216 -43.90 29.77 -7.87
N ASN B 217 -45.21 30.02 -7.83
CA ASN B 217 -46.16 28.94 -7.59
C ASN B 217 -46.42 28.10 -8.84
N THR B 218 -45.68 28.40 -9.91
CA THR B 218 -45.70 27.58 -11.11
C THR B 218 -44.47 26.70 -11.19
N THR B 219 -43.47 27.00 -10.37
CA THR B 219 -42.25 26.19 -10.28
C THR B 219 -42.60 24.72 -10.09
N ALA B 220 -42.04 23.87 -10.95
CA ALA B 220 -42.35 22.45 -10.90
C ALA B 220 -41.23 21.62 -11.52
N PRO B 221 -40.97 20.41 -10.96
CA PRO B 221 -39.95 19.52 -11.50
C PRO B 221 -40.23 19.07 -12.93
N PRO B 222 -39.26 18.43 -13.59
CA PRO B 222 -39.48 18.00 -14.97
C PRO B 222 -40.39 16.79 -15.08
N ALA B 223 -40.89 16.52 -16.29
CA ALA B 223 -41.71 15.35 -16.56
C ALA B 223 -41.57 14.97 -18.03
N LEU B 224 -41.54 13.68 -18.31
CA LEU B 224 -41.28 13.19 -19.66
C LEU B 224 -42.34 12.23 -20.18
N LYS B 225 -42.41 12.13 -21.49
CA LYS B 225 -43.24 11.13 -22.16
C LYS B 225 -42.45 10.52 -23.31
N LEU B 226 -42.46 9.21 -23.41
CA LEU B 226 -41.67 8.52 -24.42
C LEU B 226 -42.59 8.02 -25.53
N SER B 227 -42.06 7.95 -26.75
CA SER B 227 -42.86 7.55 -27.90
C SER B 227 -42.68 6.07 -28.24
N VAL B 228 -42.10 5.30 -27.31
CA VAL B 228 -41.93 3.87 -27.51
C VAL B 228 -42.19 3.13 -26.21
N ASN B 229 -42.41 1.82 -26.31
CA ASN B 229 -42.78 1.02 -25.15
C ASN B 229 -41.60 0.81 -24.22
N GLU B 230 -41.86 0.16 -23.09
CA GLU B 230 -40.82 -0.16 -22.11
C GLU B 230 -39.66 -0.86 -22.78
N THR B 231 -39.96 -1.95 -23.48
CA THR B 231 -38.94 -2.73 -24.18
C THR B 231 -39.27 -2.76 -25.66
N LEU B 232 -38.25 -2.57 -26.50
CA LEU B 232 -38.46 -2.52 -27.94
C LEU B 232 -37.56 -3.52 -28.67
N VAL B 233 -38.18 -4.46 -29.37
CA VAL B 233 -37.45 -5.46 -30.14
C VAL B 233 -37.42 -5.00 -31.60
N VAL B 234 -36.29 -5.22 -32.27
CA VAL B 234 -36.11 -4.76 -33.63
C VAL B 234 -35.14 -5.68 -34.37
N ASN B 235 -35.21 -5.68 -35.70
CA ASN B 235 -34.29 -6.48 -36.50
C ASN B 235 -33.12 -5.63 -36.97
N PRO B 236 -31.98 -6.27 -37.30
CA PRO B 236 -30.81 -5.52 -37.73
C PRO B 236 -31.04 -4.73 -39.02
N GLY B 237 -30.54 -3.50 -39.07
CA GLY B 237 -30.70 -2.66 -40.24
C GLY B 237 -31.85 -1.69 -40.12
N ASP B 238 -32.89 -2.10 -39.40
CA ASP B 238 -34.06 -1.26 -39.19
C ASP B 238 -33.65 0.10 -38.62
N ASN B 239 -34.37 1.14 -39.04
CA ASN B 239 -34.18 2.47 -38.48
C ASN B 239 -35.21 2.73 -37.39
N VAL B 240 -34.74 3.08 -36.20
CA VAL B 240 -35.64 3.34 -35.08
C VAL B 240 -35.38 4.73 -34.52
N THR B 241 -36.45 5.51 -34.42
CA THR B 241 -36.36 6.88 -33.91
C THR B 241 -37.25 7.01 -32.68
N MET B 242 -36.72 7.63 -31.63
CA MET B 242 -37.43 7.72 -30.35
C MET B 242 -37.60 9.17 -29.90
N GLN B 243 -38.85 9.61 -29.82
CA GLN B 243 -39.17 10.97 -29.41
C GLN B 243 -39.40 11.06 -27.90
N CYS B 244 -38.54 11.80 -27.22
CA CYS B 244 -38.69 12.05 -25.79
C CYS B 244 -39.09 13.50 -25.59
N SER B 245 -40.33 13.72 -25.14
CA SER B 245 -40.86 15.08 -25.05
C SER B 245 -41.25 15.46 -23.63
N LEU B 246 -41.07 16.74 -23.32
CA LEU B 246 -41.42 17.27 -22.01
C LEU B 246 -42.93 17.39 -21.87
N THR B 247 -43.42 17.17 -20.66
CA THR B 247 -44.85 17.31 -20.37
C THR B 247 -45.07 18.18 -19.14
N GLY B 248 -44.01 18.82 -18.66
CA GLY B 248 -44.10 19.66 -17.48
C GLY B 248 -42.73 20.00 -16.95
N GLY B 249 -42.60 21.20 -16.38
CA GLY B 249 -41.34 21.64 -15.82
C GLY B 249 -41.15 23.14 -15.90
N ASP B 250 -40.87 23.76 -14.75
CA ASP B 250 -40.58 25.18 -14.72
C ASP B 250 -39.55 25.47 -13.63
N PRO B 251 -38.37 26.01 -14.00
CA PRO B 251 -37.85 26.39 -15.32
C PRO B 251 -37.85 25.25 -16.35
N GLN B 252 -37.73 25.63 -17.62
CA GLN B 252 -37.76 24.65 -18.70
C GLN B 252 -36.58 23.69 -18.59
N PRO B 253 -36.86 22.40 -18.34
CA PRO B 253 -35.75 21.46 -18.14
C PRO B 253 -35.00 21.14 -19.44
N GLU B 254 -33.80 20.59 -19.29
CA GLU B 254 -32.98 20.17 -20.43
C GLU B 254 -33.03 18.66 -20.59
N VAL B 255 -33.44 18.20 -21.78
CA VAL B 255 -33.54 16.78 -22.07
C VAL B 255 -32.22 16.23 -22.62
N LEU B 256 -31.84 15.03 -22.18
CA LEU B 256 -30.59 14.41 -22.61
C LEU B 256 -30.72 12.90 -22.75
N TRP B 257 -30.24 12.37 -23.87
CA TRP B 257 -30.20 10.92 -24.09
C TRP B 257 -28.86 10.31 -23.67
N SER B 258 -28.90 9.05 -23.25
CA SER B 258 -27.69 8.33 -22.84
C SER B 258 -27.82 6.84 -23.15
N HIS B 259 -26.69 6.15 -23.22
CA HIS B 259 -26.69 4.73 -23.57
C HIS B 259 -25.82 3.90 -22.63
N SER B 260 -26.26 2.67 -22.37
CA SER B 260 -25.49 1.70 -21.59
C SER B 260 -25.61 0.31 -22.20
N PRO B 261 -24.48 -0.38 -22.42
CA PRO B 261 -23.08 -0.01 -22.17
C PRO B 261 -22.47 0.83 -23.29
N GLY B 262 -21.51 1.68 -22.94
CA GLY B 262 -20.77 2.45 -23.93
C GLY B 262 -21.52 3.66 -24.44
N PRO B 263 -20.94 4.36 -25.43
CA PRO B 263 -21.53 5.56 -26.02
C PRO B 263 -22.60 5.25 -27.08
N LEU B 264 -23.32 6.28 -27.50
CA LEU B 264 -24.41 6.13 -28.46
C LEU B 264 -23.91 5.78 -29.86
N PRO B 265 -23.06 6.64 -30.45
CA PRO B 265 -22.65 6.41 -31.84
C PRO B 265 -21.78 5.15 -31.99
N PRO B 266 -21.41 4.80 -33.23
CA PRO B 266 -21.75 5.49 -34.49
C PRO B 266 -23.19 5.24 -34.94
N ASN B 267 -23.52 5.71 -36.14
CA ASN B 267 -24.80 5.49 -36.79
C ASN B 267 -26.01 5.82 -35.92
N SER B 268 -25.80 6.63 -34.89
CA SER B 268 -26.90 7.10 -34.06
C SER B 268 -26.69 8.56 -33.72
N LEU B 269 -27.68 9.38 -34.04
CA LEU B 269 -27.59 10.82 -33.85
C LEU B 269 -28.67 11.37 -32.92
N VAL B 270 -28.29 12.32 -32.09
CA VAL B 270 -29.23 12.98 -31.18
C VAL B 270 -29.49 14.39 -31.69
N GLN B 271 -30.72 14.65 -32.13
CA GLN B 271 -31.14 15.99 -32.49
C GLN B 271 -31.37 16.82 -31.23
N GLY B 272 -31.64 16.12 -30.13
CA GLY B 272 -32.05 16.76 -28.89
C GLY B 272 -33.52 16.48 -28.64
N GLY B 273 -33.79 15.48 -27.80
CA GLY B 273 -35.16 14.99 -27.63
C GLY B 273 -35.41 13.83 -28.56
N ASN B 274 -35.09 14.04 -29.83
CA ASN B 274 -35.19 13.01 -30.85
C ASN B 274 -33.90 12.21 -30.88
N LEU B 275 -34.04 10.89 -30.73
CA LEU B 275 -32.92 9.96 -30.87
C LEU B 275 -33.15 9.01 -32.04
N THR B 276 -32.27 9.06 -33.03
CA THR B 276 -32.37 8.18 -34.19
C THR B 276 -31.18 7.22 -34.31
N ILE B 277 -31.47 5.96 -34.58
CA ILE B 277 -30.44 4.94 -34.81
C ILE B 277 -30.58 4.43 -36.23
N TRP B 278 -29.55 4.64 -37.05
CA TRP B 278 -29.61 4.22 -38.45
C TRP B 278 -28.95 2.86 -38.64
N ARG B 279 -29.59 1.99 -39.41
CA ARG B 279 -28.99 0.71 -39.78
C ARG B 279 -28.51 -0.01 -38.53
N ILE B 280 -29.40 -0.18 -37.57
CA ILE B 280 -29.01 -0.65 -36.25
C ILE B 280 -28.34 -2.01 -36.32
N ARG B 281 -27.20 -2.12 -35.65
CA ARG B 281 -26.46 -3.38 -35.56
C ARG B 281 -26.81 -4.08 -34.26
N VAL B 282 -26.45 -5.35 -34.17
CA VAL B 282 -26.80 -6.18 -33.00
C VAL B 282 -26.13 -5.66 -31.73
N GLU B 283 -24.93 -5.11 -31.87
CA GLU B 283 -24.18 -4.63 -30.71
C GLU B 283 -24.78 -3.35 -30.12
N ASP B 284 -25.66 -2.71 -30.87
CA ASP B 284 -26.31 -1.47 -30.41
C ASP B 284 -27.38 -1.74 -29.34
N SER B 285 -27.76 -3.00 -29.17
CA SER B 285 -28.72 -3.38 -28.15
C SER B 285 -28.34 -2.82 -26.77
N GLY B 286 -29.35 -2.63 -25.91
CA GLY B 286 -29.11 -2.13 -24.57
C GLY B 286 -30.15 -1.11 -24.10
N TYR B 287 -29.81 -0.37 -23.05
CA TYR B 287 -30.70 0.64 -22.49
C TYR B 287 -30.40 2.04 -22.99
N TYR B 288 -31.44 2.72 -23.47
CA TYR B 288 -31.34 4.12 -23.85
C TYR B 288 -32.21 4.96 -22.93
N ASN B 289 -31.60 5.82 -22.13
CA ASN B 289 -32.32 6.59 -21.11
C ASN B 289 -32.44 8.07 -21.46
N CYS B 290 -33.67 8.56 -21.44
CA CYS B 290 -33.92 9.99 -21.60
C CYS B 290 -34.13 10.65 -20.24
N THR B 291 -33.39 11.72 -19.96
CA THR B 291 -33.45 12.39 -18.66
C THR B 291 -33.65 13.90 -18.78
N ALA B 292 -34.51 14.46 -17.93
CA ALA B 292 -34.77 15.90 -17.89
C ALA B 292 -34.36 16.50 -16.55
N ILE B 293 -33.70 17.67 -16.59
CA ILE B 293 -33.23 18.33 -15.38
C ILE B 293 -33.51 19.82 -15.43
N ASN B 294 -33.94 20.39 -14.30
CA ASN B 294 -34.15 21.83 -14.18
C ASN B 294 -33.80 22.32 -12.78
N ASN B 295 -33.03 21.52 -12.04
CA ASN B 295 -32.65 21.85 -10.67
C ASN B 295 -33.88 21.98 -9.76
N VAL B 296 -34.97 21.31 -10.13
CA VAL B 296 -36.16 21.28 -9.29
C VAL B 296 -36.56 19.84 -9.03
N GLY B 297 -36.60 19.46 -7.76
CA GLY B 297 -36.97 18.11 -7.38
C GLY B 297 -36.04 17.07 -7.97
N ASN B 298 -36.53 15.84 -8.08
CA ASN B 298 -35.77 14.77 -8.70
C ASN B 298 -35.91 14.85 -10.22
N PRO B 299 -34.80 14.65 -10.96
CA PRO B 299 -34.88 14.66 -12.42
C PRO B 299 -35.72 13.51 -13.00
N ALA B 300 -36.55 13.81 -13.98
CA ALA B 300 -37.40 12.82 -14.62
C ALA B 300 -36.57 11.98 -15.59
N LYS B 301 -36.84 10.67 -15.63
CA LYS B 301 -36.14 9.80 -16.57
C LYS B 301 -37.06 8.72 -17.15
N LYS B 302 -37.09 8.66 -18.48
CA LYS B 302 -37.80 7.60 -19.18
C LYS B 302 -36.78 6.62 -19.78
N THR B 303 -37.02 5.33 -19.63
CA THR B 303 -36.06 4.31 -20.04
C THR B 303 -36.65 3.30 -21.03
N VAL B 304 -35.97 3.11 -22.16
CA VAL B 304 -36.39 2.13 -23.16
C VAL B 304 -35.26 1.13 -23.44
N ASN B 305 -35.60 -0.15 -23.43
CA ASN B 305 -34.62 -1.22 -23.67
C ASN B 305 -34.71 -1.75 -25.11
N LEU B 306 -33.73 -1.39 -25.93
CA LEU B 306 -33.73 -1.77 -27.34
C LEU B 306 -33.01 -3.09 -27.60
N LEU B 307 -33.74 -4.08 -28.10
CA LEU B 307 -33.19 -5.41 -28.36
C LEU B 307 -33.16 -5.75 -29.85
N VAL B 308 -31.96 -5.84 -30.42
CA VAL B 308 -31.79 -6.25 -31.80
C VAL B 308 -31.69 -7.77 -31.90
N ARG B 309 -32.48 -8.37 -32.79
CA ARG B 309 -32.52 -9.83 -32.93
C ARG B 309 -31.23 -10.36 -33.55
N SER B 310 -30.83 -11.57 -33.15
CA SER B 310 -29.66 -12.23 -33.73
C SER B 310 -29.56 -13.70 -33.33
N MET B 311 -28.90 -14.50 -34.17
CA MET B 311 -28.64 -15.91 -33.88
C MET B 311 -27.19 -16.26 -34.21
N LYS B 312 -26.47 -16.80 -33.23
CA LYS B 312 -25.06 -17.11 -33.40
C LYS B 312 -24.64 -18.40 -32.68
N ASN B 313 -23.55 -19.01 -33.15
CA ASN B 313 -22.89 -20.08 -32.42
C ASN B 313 -23.79 -21.31 -32.25
N ALA B 314 -24.34 -21.81 -33.35
CA ALA B 314 -25.11 -23.04 -33.31
C ALA B 314 -24.17 -24.22 -33.03
N THR B 315 -24.50 -25.02 -32.03
CA THR B 315 -23.63 -26.10 -31.59
C THR B 315 -24.43 -27.36 -31.24
N PHE B 316 -23.83 -28.52 -31.48
CA PHE B 316 -24.45 -29.79 -31.16
C PHE B 316 -23.66 -30.53 -30.10
N GLN B 317 -24.28 -31.55 -29.50
CA GLN B 317 -23.62 -32.37 -28.50
C GLN B 317 -24.04 -33.84 -28.65
N ILE B 318 -23.05 -34.73 -28.63
CA ILE B 318 -23.30 -36.16 -28.65
C ILE B 318 -23.14 -36.68 -27.23
N THR B 319 -24.25 -37.09 -26.62
CA THR B 319 -24.23 -37.61 -25.25
C THR B 319 -24.60 -39.08 -25.19
N PRO B 320 -23.61 -39.98 -25.19
CA PRO B 320 -23.87 -41.41 -25.03
C PRO B 320 -24.62 -41.74 -23.75
N ASP B 321 -25.02 -43.00 -23.59
CA ASP B 321 -25.78 -43.42 -22.41
C ASP B 321 -25.08 -43.01 -21.13
N VAL B 322 -25.72 -42.16 -20.35
CA VAL B 322 -25.15 -41.66 -19.11
C VAL B 322 -25.38 -42.67 -17.98
N ILE B 323 -26.57 -43.27 -17.95
CA ILE B 323 -26.94 -44.17 -16.88
C ILE B 323 -26.17 -45.48 -16.96
N LYS B 324 -25.78 -45.86 -18.18
CA LYS B 324 -24.96 -47.05 -18.39
C LYS B 324 -23.48 -46.70 -18.34
N GLU B 325 -23.19 -45.43 -18.04
CA GLU B 325 -21.83 -44.94 -17.94
C GLU B 325 -21.03 -45.25 -19.21
N SER B 326 -21.54 -44.81 -20.35
CA SER B 326 -20.86 -45.03 -21.62
C SER B 326 -20.25 -43.73 -22.12
N GLU B 327 -19.24 -43.84 -22.97
CA GLU B 327 -18.64 -42.67 -23.61
C GLU B 327 -18.59 -42.87 -25.13
N THR B 328 -19.34 -43.86 -25.61
CA THR B 328 -19.28 -44.25 -27.01
C THR B 328 -20.65 -44.73 -27.49
N ILE B 329 -20.90 -44.60 -28.79
CA ILE B 329 -22.14 -45.10 -29.38
C ILE B 329 -22.10 -46.62 -29.42
N GLN B 330 -23.02 -47.25 -28.70
CA GLN B 330 -23.12 -48.70 -28.67
C GLN B 330 -24.56 -49.16 -28.83
N LEU B 331 -24.75 -50.18 -29.65
CA LEU B 331 -26.10 -50.68 -29.91
C LEU B 331 -26.74 -51.15 -28.61
N GLY B 332 -28.01 -50.78 -28.43
CA GLY B 332 -28.72 -51.09 -27.20
C GLY B 332 -28.53 -50.06 -26.12
N GLN B 333 -28.23 -48.82 -26.52
CA GLN B 333 -28.04 -47.74 -25.57
C GLN B 333 -28.83 -46.49 -25.96
N ASP B 334 -28.95 -45.57 -25.02
CA ASP B 334 -29.57 -44.27 -25.28
C ASP B 334 -28.54 -43.29 -25.86
N LEU B 335 -28.93 -42.57 -26.90
CA LEU B 335 -28.06 -41.59 -27.54
C LEU B 335 -28.73 -40.24 -27.72
N LYS B 336 -28.33 -39.26 -26.92
CA LYS B 336 -28.86 -37.91 -27.01
C LYS B 336 -28.08 -37.08 -28.03
N LEU B 337 -28.82 -36.40 -28.90
CA LEU B 337 -28.24 -35.46 -29.86
C LEU B 337 -28.80 -34.06 -29.61
N SER B 338 -28.05 -33.25 -28.87
CA SER B 338 -28.53 -31.93 -28.47
C SER B 338 -28.27 -30.85 -29.52
N CYS B 339 -28.80 -29.66 -29.26
CA CYS B 339 -28.74 -28.55 -30.20
C CYS B 339 -28.89 -27.23 -29.45
N HIS B 340 -28.13 -26.22 -29.86
CA HIS B 340 -28.14 -24.93 -29.17
C HIS B 340 -27.71 -23.78 -30.07
N VAL B 341 -28.24 -22.60 -29.79
CA VAL B 341 -27.85 -21.39 -30.51
C VAL B 341 -28.04 -20.20 -29.58
N ASP B 342 -27.12 -19.24 -29.66
CA ASP B 342 -27.20 -18.02 -28.86
C ASP B 342 -28.07 -16.98 -29.56
N ALA B 343 -29.14 -16.54 -28.89
CA ALA B 343 -30.05 -15.56 -29.47
C ALA B 343 -30.48 -14.49 -28.47
N VAL B 344 -30.85 -13.32 -28.99
CA VAL B 344 -31.23 -12.19 -28.16
C VAL B 344 -32.63 -12.39 -27.56
N PRO B 345 -33.66 -12.55 -28.42
CA PRO B 345 -34.94 -12.94 -27.81
C PRO B 345 -34.95 -14.45 -27.56
N GLN B 346 -34.08 -14.87 -26.64
CA GLN B 346 -33.82 -16.28 -26.38
C GLN B 346 -35.09 -17.12 -26.25
N GLU B 347 -36.14 -16.54 -25.69
CA GLU B 347 -37.39 -17.27 -25.46
C GLU B 347 -38.16 -17.53 -26.75
N LYS B 348 -37.76 -16.88 -27.84
CA LYS B 348 -38.55 -16.89 -29.06
C LYS B 348 -38.03 -17.89 -30.10
N VAL B 349 -36.93 -18.57 -29.78
CA VAL B 349 -36.33 -19.53 -30.72
C VAL B 349 -37.14 -20.82 -30.79
N VAL B 350 -37.06 -21.50 -31.93
CA VAL B 350 -37.70 -22.79 -32.10
C VAL B 350 -36.81 -23.70 -32.95
N TYR B 351 -36.67 -24.95 -32.51
CA TYR B 351 -35.76 -25.88 -33.18
C TYR B 351 -36.54 -26.95 -33.94
N SER B 352 -35.95 -27.40 -35.06
CA SER B 352 -36.54 -28.44 -35.88
C SER B 352 -35.49 -29.50 -36.17
N TRP B 353 -35.80 -30.75 -35.83
CA TRP B 353 -34.86 -31.84 -36.00
C TRP B 353 -35.17 -32.64 -37.25
N TYR B 354 -34.24 -32.64 -38.19
CA TYR B 354 -34.38 -33.41 -39.43
C TYR B 354 -33.40 -34.58 -39.42
N LYS B 355 -33.72 -35.61 -40.17
CA LYS B 355 -32.89 -36.81 -40.25
C LYS B 355 -33.01 -37.42 -41.64
N ASN B 356 -32.03 -37.12 -42.49
CA ASN B 356 -32.11 -37.51 -43.90
C ASN B 356 -33.45 -37.06 -44.46
N GLY B 357 -33.81 -35.81 -44.19
CA GLY B 357 -35.16 -35.33 -44.37
C GLY B 357 -35.78 -35.01 -43.02
N LYS B 358 -37.04 -34.58 -43.00
CA LYS B 358 -37.65 -34.08 -41.77
C LYS B 358 -38.77 -34.97 -41.26
N PRO B 359 -38.54 -35.66 -40.13
CA PRO B 359 -39.65 -36.28 -39.39
C PRO B 359 -40.30 -35.32 -38.40
N SER B 363 -40.26 -37.99 -32.40
CA SER B 363 -41.02 -38.78 -33.36
C SER B 363 -41.67 -39.97 -32.68
N ASP B 364 -42.19 -39.73 -31.48
CA ASP B 364 -42.91 -40.75 -30.70
C ASP B 364 -42.06 -41.95 -30.24
N ARG B 365 -42.43 -43.15 -30.67
CA ARG B 365 -41.76 -44.40 -30.31
C ARG B 365 -40.27 -44.47 -30.62
N LEU B 366 -39.49 -44.84 -29.60
CA LEU B 366 -38.04 -44.98 -29.69
C LEU B 366 -37.30 -43.65 -29.79
N LEU B 367 -37.64 -42.83 -30.77
CA LEU B 367 -37.02 -41.52 -30.92
C LEU B 367 -37.95 -40.42 -30.42
N ILE B 368 -37.48 -39.66 -29.44
CA ILE B 368 -38.32 -38.71 -28.72
C ILE B 368 -37.62 -37.35 -28.65
N THR B 369 -38.42 -36.29 -28.47
CA THR B 369 -37.88 -34.92 -28.38
C THR B 369 -37.90 -34.42 -26.94
N ARG B 370 -36.83 -33.75 -26.54
CA ARG B 370 -36.75 -33.07 -25.24
C ARG B 370 -36.13 -31.69 -25.42
N ASN B 371 -36.85 -30.66 -24.98
CA ASN B 371 -36.48 -29.28 -25.30
C ASN B 371 -35.62 -28.58 -24.24
N ASP B 372 -35.65 -29.04 -23.00
CA ASP B 372 -34.96 -28.33 -21.92
C ASP B 372 -34.40 -29.25 -20.83
N PRO B 373 -33.27 -29.91 -21.10
CA PRO B 373 -32.60 -30.71 -20.07
C PRO B 373 -31.63 -29.89 -19.21
N GLU B 374 -30.72 -30.56 -18.52
CA GLU B 374 -29.76 -29.88 -17.64
C GLU B 374 -28.69 -29.14 -18.43
N LEU B 375 -28.63 -29.41 -19.73
CA LEU B 375 -27.64 -28.82 -20.62
C LEU B 375 -27.92 -27.31 -20.74
N PRO B 376 -27.10 -26.56 -21.51
CA PRO B 376 -27.27 -25.10 -21.52
C PRO B 376 -28.71 -24.66 -21.76
N PRO B 377 -29.01 -23.36 -21.57
CA PRO B 377 -30.39 -22.88 -21.68
C PRO B 377 -31.05 -23.04 -23.05
N VAL B 378 -32.31 -23.44 -23.04
CA VAL B 378 -33.11 -23.58 -24.26
C VAL B 378 -32.44 -24.46 -25.32
N THR B 379 -32.02 -25.66 -24.93
CA THR B 379 -31.38 -26.57 -25.87
C THR B 379 -32.28 -27.76 -26.20
N CYS B 380 -32.64 -27.87 -27.47
CA CYS B 380 -33.43 -29.00 -27.96
C CYS B 380 -32.57 -30.23 -28.20
N SER B 381 -32.98 -31.36 -27.65
CA SER B 381 -32.20 -32.59 -27.73
C SER B 381 -33.09 -33.82 -27.85
N LEU B 382 -32.96 -34.55 -28.96
CA LEU B 382 -33.72 -35.79 -29.12
C LEU B 382 -32.90 -36.96 -28.62
N GLU B 383 -33.57 -37.95 -28.04
CA GLU B 383 -32.92 -39.15 -27.54
C GLU B 383 -33.28 -40.36 -28.40
N ILE B 384 -32.30 -41.23 -28.62
CA ILE B 384 -32.52 -42.47 -29.36
C ILE B 384 -32.36 -43.64 -28.41
N ILE B 385 -33.49 -44.21 -27.99
CA ILE B 385 -33.49 -45.34 -27.08
C ILE B 385 -33.19 -46.62 -27.86
N ASP B 386 -32.35 -47.48 -27.29
CA ASP B 386 -31.97 -48.71 -27.95
C ASP B 386 -31.37 -48.42 -29.34
N LEU B 387 -30.18 -47.86 -29.36
CA LEU B 387 -29.55 -47.48 -30.62
C LEU B 387 -29.54 -48.64 -31.60
N ARG B 388 -29.57 -48.32 -32.89
CA ARG B 388 -29.83 -49.30 -33.92
C ARG B 388 -29.19 -48.86 -35.22
N PHE B 389 -28.72 -49.81 -36.01
CA PHE B 389 -28.06 -49.51 -37.27
C PHE B 389 -28.94 -48.63 -38.17
N SER B 390 -30.25 -48.72 -37.97
CA SER B 390 -31.20 -47.94 -38.73
C SER B 390 -31.15 -46.46 -38.36
N ASP B 391 -30.54 -46.16 -37.21
CA ASP B 391 -30.43 -44.79 -36.73
C ASP B 391 -29.18 -44.10 -37.28
N TYR B 392 -28.23 -44.90 -37.77
CA TYR B 392 -27.04 -44.34 -38.39
C TYR B 392 -27.43 -43.49 -39.58
N GLY B 393 -27.31 -42.18 -39.43
CA GLY B 393 -27.65 -41.24 -40.48
C GLY B 393 -27.18 -39.84 -40.18
N THR B 394 -27.51 -38.91 -41.07
CA THR B 394 -27.12 -37.51 -40.91
C THR B 394 -28.27 -36.70 -40.31
N TYR B 395 -28.10 -36.29 -39.04
CA TYR B 395 -29.12 -35.51 -38.36
C TYR B 395 -28.88 -34.01 -38.50
N LEU B 396 -29.97 -33.25 -38.63
CA LEU B 396 -29.89 -31.80 -38.77
C LEU B 396 -30.86 -31.11 -37.80
N CYS B 397 -30.35 -30.08 -37.11
CA CYS B 397 -31.20 -29.25 -36.26
C CYS B 397 -31.28 -27.84 -36.81
N VAL B 398 -32.50 -27.31 -36.93
CA VAL B 398 -32.72 -25.99 -37.53
C VAL B 398 -33.36 -25.03 -36.53
N ALA B 399 -32.60 -24.05 -36.07
CA ALA B 399 -33.10 -22.99 -35.19
C ALA B 399 -33.64 -21.82 -36.02
N THR B 400 -34.83 -21.32 -35.65
CA THR B 400 -35.45 -20.24 -36.41
C THR B 400 -36.28 -19.31 -35.53
N PHE B 401 -36.51 -18.09 -36.01
CA PHE B 401 -37.42 -17.15 -35.36
C PHE B 401 -38.76 -17.11 -36.08
N GLN B 402 -39.84 -17.09 -35.30
CA GLN B 402 -41.18 -17.06 -35.84
C GLN B 402 -41.38 -15.83 -36.73
N GLY B 403 -41.40 -16.04 -38.04
CA GLY B 403 -41.65 -14.97 -38.99
C GLY B 403 -40.70 -13.79 -38.88
N ALA B 404 -39.41 -14.06 -38.71
CA ALA B 404 -38.41 -12.98 -38.64
C ALA B 404 -37.60 -12.91 -39.93
N PRO B 405 -37.26 -11.70 -40.38
CA PRO B 405 -36.51 -11.58 -41.64
C PRO B 405 -35.11 -12.17 -41.57
N ILE B 406 -34.56 -12.29 -40.36
CA ILE B 406 -33.24 -12.87 -40.16
C ILE B 406 -33.16 -14.27 -40.76
N PRO B 407 -31.95 -14.71 -41.15
CA PRO B 407 -31.77 -16.05 -41.71
C PRO B 407 -31.79 -17.14 -40.64
N ASP B 408 -32.14 -18.36 -41.03
CA ASP B 408 -32.13 -19.49 -40.12
C ASP B 408 -30.70 -19.99 -39.91
N LEU B 409 -30.48 -20.77 -38.86
CA LEU B 409 -29.19 -21.40 -38.62
C LEU B 409 -29.35 -22.91 -38.44
N SER B 410 -28.33 -23.67 -38.84
CA SER B 410 -28.40 -25.13 -38.75
C SER B 410 -27.09 -25.77 -38.25
N VAL B 411 -27.19 -27.02 -37.80
CA VAL B 411 -26.03 -27.79 -37.37
C VAL B 411 -26.18 -29.25 -37.78
N GLU B 412 -25.30 -29.69 -38.68
CA GLU B 412 -25.32 -31.08 -39.15
C GLU B 412 -24.42 -31.94 -38.27
N VAL B 413 -24.84 -33.18 -38.01
CA VAL B 413 -24.08 -34.09 -37.17
C VAL B 413 -24.30 -35.53 -37.65
N ASN B 414 -23.33 -36.04 -38.40
CA ASN B 414 -23.39 -37.39 -38.96
C ASN B 414 -23.08 -38.43 -37.88
N ILE B 415 -24.02 -39.35 -37.67
CA ILE B 415 -23.78 -40.49 -36.79
C ILE B 415 -23.58 -41.74 -37.64
N SER B 416 -22.54 -42.49 -37.32
CA SER B 416 -22.27 -43.74 -38.03
C SER B 416 -21.34 -44.62 -37.19
N SER B 417 -21.04 -45.81 -37.71
CA SER B 417 -20.13 -46.73 -37.03
C SER B 417 -18.78 -46.06 -36.77
N GLU B 418 -18.43 -45.10 -37.61
CA GLU B 418 -17.14 -44.42 -37.53
C GLU B 418 -17.07 -43.45 -36.35
N THR B 419 -18.20 -42.83 -36.00
CA THR B 419 -18.20 -41.82 -34.95
C THR B 419 -17.72 -42.44 -33.63
N VAL B 420 -16.84 -41.72 -32.94
CA VAL B 420 -16.11 -42.28 -31.81
C VAL B 420 -15.62 -41.13 -30.93
N PRO B 421 -15.69 -41.28 -29.60
CA PRO B 421 -15.21 -40.19 -28.74
C PRO B 421 -13.77 -39.81 -29.06
N PRO B 422 -13.33 -38.62 -28.61
CA PRO B 422 -12.01 -38.19 -29.06
C PRO B 422 -10.87 -38.60 -28.13
N THR B 423 -9.65 -38.57 -28.66
CA THR B 423 -8.44 -38.68 -27.85
C THR B 423 -7.44 -37.63 -28.32
N ILE B 424 -6.71 -37.06 -27.37
CA ILE B 424 -5.77 -35.99 -27.69
C ILE B 424 -4.35 -36.40 -27.30
N SER B 425 -3.38 -35.93 -28.07
CA SER B 425 -1.98 -36.23 -27.82
C SER B 425 -1.10 -35.12 -28.38
N VAL B 426 0.20 -35.20 -28.07
CA VAL B 426 1.16 -34.24 -28.60
C VAL B 426 1.97 -34.91 -29.69
N PRO B 427 1.99 -34.32 -30.90
CA PRO B 427 2.67 -34.97 -32.03
C PRO B 427 4.17 -35.08 -31.84
N LYS B 428 4.73 -36.27 -32.05
CA LYS B 428 6.18 -36.45 -31.99
C LYS B 428 6.71 -35.98 -30.63
N GLY B 429 7.76 -35.16 -30.63
CA GLY B 429 8.28 -34.62 -29.38
C GLY B 429 8.20 -33.12 -29.23
N GLN B 430 7.05 -32.54 -29.55
CA GLN B 430 6.81 -31.12 -29.33
C GLN B 430 6.15 -30.87 -27.97
N SER B 431 6.34 -31.79 -27.04
CA SER B 431 5.84 -31.59 -25.68
C SER B 431 6.45 -30.29 -25.16
N THR B 432 7.77 -30.21 -25.20
CA THR B 432 8.48 -28.99 -24.84
C THR B 432 9.01 -28.34 -26.12
N ILE B 433 8.56 -27.12 -26.39
CA ILE B 433 9.00 -26.39 -27.58
C ILE B 433 9.63 -25.07 -27.16
N THR B 434 10.87 -24.85 -27.59
CA THR B 434 11.63 -23.68 -27.19
C THR B 434 11.69 -22.66 -28.31
N VAL B 435 11.55 -21.38 -27.95
CA VAL B 435 11.65 -20.29 -28.91
C VAL B 435 12.36 -19.11 -28.28
N ARG B 436 12.91 -18.25 -29.12
CA ARG B 436 13.56 -17.03 -28.66
C ARG B 436 12.52 -15.91 -28.51
N GLU B 437 12.70 -15.08 -27.48
CA GLU B 437 11.76 -14.00 -27.19
C GLU B 437 11.57 -13.08 -28.39
N GLY B 438 10.35 -12.60 -28.58
CA GLY B 438 10.03 -11.68 -29.66
C GLY B 438 9.45 -12.36 -30.88
N SER B 439 10.10 -13.43 -31.34
CA SER B 439 9.65 -14.17 -32.52
C SER B 439 8.27 -14.76 -32.29
N ARG B 440 7.75 -15.48 -33.29
CA ARG B 440 6.44 -16.11 -33.15
C ARG B 440 6.59 -17.55 -32.66
N ALA B 441 5.62 -18.01 -31.87
CA ALA B 441 5.59 -19.37 -31.37
C ALA B 441 4.29 -20.07 -31.76
N GLU B 442 4.38 -21.37 -32.03
CA GLU B 442 3.21 -22.17 -32.40
C GLU B 442 3.14 -23.44 -31.57
N LEU B 443 2.19 -23.49 -30.64
CA LEU B 443 1.97 -24.66 -29.81
C LEU B 443 1.02 -25.62 -30.50
N GLN B 444 1.26 -26.92 -30.33
CA GLN B 444 0.51 -27.93 -31.07
C GLN B 444 0.03 -29.12 -30.25
N CYS B 445 -1.26 -29.39 -30.38
CA CYS B 445 -1.88 -30.63 -29.92
C CYS B 445 -2.64 -31.19 -31.11
N GLU B 446 -2.76 -32.51 -31.17
CA GLU B 446 -3.52 -33.13 -32.25
C GLU B 446 -4.60 -34.02 -31.65
N VAL B 447 -5.82 -33.83 -32.11
CA VAL B 447 -6.98 -34.53 -31.56
C VAL B 447 -7.51 -35.53 -32.58
N ARG B 448 -7.96 -36.67 -32.08
CA ARG B 448 -8.54 -37.69 -32.96
C ARG B 448 -9.91 -38.14 -32.49
N GLY B 449 -10.80 -38.35 -33.47
CA GLY B 449 -12.16 -38.79 -33.21
C GLY B 449 -13.11 -38.26 -34.28
N LYS B 450 -14.32 -38.82 -34.31
CA LYS B 450 -15.33 -38.40 -35.27
C LYS B 450 -16.65 -38.08 -34.58
N PRO B 451 -17.07 -36.80 -34.57
CA PRO B 451 -16.38 -35.61 -35.10
C PRO B 451 -15.22 -35.17 -34.22
N LYS B 452 -14.37 -34.30 -34.75
CA LYS B 452 -13.30 -33.71 -33.94
C LYS B 452 -13.81 -32.43 -33.29
N PRO B 453 -13.79 -32.36 -31.95
CA PRO B 453 -14.25 -31.12 -31.33
C PRO B 453 -13.15 -30.07 -31.34
N PRO B 454 -13.51 -28.80 -31.11
CA PRO B 454 -12.42 -27.81 -31.04
C PRO B 454 -11.61 -27.98 -29.77
N ILE B 455 -10.42 -27.41 -29.74
CA ILE B 455 -9.54 -27.53 -28.58
C ILE B 455 -9.61 -26.25 -27.78
N ILE B 456 -9.58 -26.39 -26.46
CA ILE B 456 -9.58 -25.23 -25.57
C ILE B 456 -8.25 -25.21 -24.83
N TRP B 457 -7.44 -24.18 -25.11
CA TRP B 457 -6.14 -24.02 -24.48
C TRP B 457 -6.25 -23.22 -23.19
N SER B 458 -5.59 -23.70 -22.14
CA SER B 458 -5.51 -22.98 -20.87
C SER B 458 -4.12 -23.10 -20.27
N ARG B 459 -3.81 -22.23 -19.31
CA ARG B 459 -2.54 -22.30 -18.60
C ARG B 459 -2.73 -22.96 -17.23
N VAL B 460 -1.72 -23.69 -16.78
CA VAL B 460 -1.85 -24.52 -15.58
C VAL B 460 -0.91 -24.12 -14.45
N ASP B 461 0.31 -23.72 -14.78
CA ASP B 461 1.29 -23.36 -13.76
C ASP B 461 0.80 -22.21 -12.89
N LYS B 462 0.00 -21.32 -13.48
CA LYS B 462 -0.59 -20.20 -12.74
C LYS B 462 -1.96 -19.87 -13.32
N GLU B 463 -2.70 -19.00 -12.63
CA GLU B 463 -3.99 -18.55 -13.13
C GLU B 463 -3.88 -17.15 -13.72
N THR B 464 -3.39 -17.10 -14.96
CA THR B 464 -3.23 -15.84 -15.68
C THR B 464 -4.00 -15.88 -17.00
N PRO B 465 -4.22 -14.71 -17.63
CA PRO B 465 -4.90 -14.71 -18.92
C PRO B 465 -3.91 -14.99 -20.05
N MET B 466 -4.29 -14.68 -21.29
CA MET B 466 -3.48 -15.05 -22.44
C MET B 466 -3.35 -13.87 -23.41
N PRO B 467 -2.56 -14.05 -24.49
CA PRO B 467 -2.52 -13.09 -25.60
C PRO B 467 -3.90 -12.53 -25.97
N SER B 468 -4.91 -13.37 -25.97
CA SER B 468 -6.27 -12.93 -26.27
C SER B 468 -6.87 -12.19 -25.07
N GLY B 469 -6.14 -12.19 -23.96
CA GLY B 469 -6.56 -11.49 -22.76
C GLY B 469 -7.51 -12.25 -21.86
N THR B 470 -7.92 -13.44 -22.27
CA THR B 470 -8.80 -14.27 -21.45
C THR B 470 -8.13 -15.59 -21.09
N MET B 471 -8.75 -16.31 -20.15
CA MET B 471 -8.18 -17.54 -19.61
C MET B 471 -8.01 -18.63 -20.67
N THR B 472 -8.85 -18.63 -21.69
CA THR B 472 -8.85 -19.70 -22.69
C THR B 472 -9.06 -19.20 -24.12
N VAL B 473 -8.57 -19.97 -25.09
CA VAL B 473 -8.72 -19.65 -26.50
C VAL B 473 -9.26 -20.85 -27.27
N GLU B 474 -10.17 -20.60 -28.21
CA GLU B 474 -10.71 -21.65 -29.07
C GLU B 474 -9.87 -21.86 -30.33
N THR B 475 -9.73 -23.11 -30.75
CA THR B 475 -8.99 -23.43 -31.96
C THR B 475 -9.43 -24.76 -32.56
N TYR B 476 -9.57 -24.81 -33.89
CA TYR B 476 -10.03 -26.01 -34.58
C TYR B 476 -8.86 -26.81 -35.15
N ASP B 477 -7.83 -26.11 -35.60
CA ASP B 477 -6.64 -26.76 -36.16
C ASP B 477 -5.73 -27.35 -35.09
N GLY B 478 -6.07 -27.15 -33.83
CA GLY B 478 -5.26 -27.66 -32.74
C GLY B 478 -3.96 -26.88 -32.61
N LYS B 479 -3.88 -25.77 -33.32
CA LYS B 479 -2.72 -24.89 -33.27
C LYS B 479 -3.01 -23.69 -32.37
N LEU B 480 -2.02 -23.33 -31.56
CA LEU B 480 -2.10 -22.11 -30.77
C LEU B 480 -0.97 -21.22 -31.25
N ARG B 481 -1.33 -20.07 -31.82
CA ARG B 481 -0.35 -19.17 -32.41
C ARG B 481 -0.03 -18.00 -31.49
N LEU B 482 1.25 -17.71 -31.37
CA LEU B 482 1.72 -16.60 -30.55
C LEU B 482 2.57 -15.66 -31.39
N GLU B 483 2.02 -14.50 -31.75
CA GLU B 483 2.70 -13.56 -32.63
C GLU B 483 3.95 -13.05 -31.95
N SER B 484 3.77 -12.24 -30.92
CA SER B 484 4.87 -11.66 -30.16
C SER B 484 5.00 -12.40 -28.84
N VAL B 485 5.76 -13.49 -28.84
CA VAL B 485 5.86 -14.32 -27.63
C VAL B 485 6.69 -13.59 -26.59
N SER B 486 6.17 -13.55 -25.37
CA SER B 486 6.86 -12.93 -24.24
C SER B 486 7.31 -14.01 -23.25
N ARG B 487 8.38 -13.72 -22.52
CA ARG B 487 8.89 -14.65 -21.52
C ARG B 487 7.81 -14.97 -20.49
N ASP B 488 6.93 -14.02 -20.25
CA ASP B 488 5.84 -14.21 -19.31
C ASP B 488 5.00 -15.43 -19.70
N MET B 489 4.91 -15.67 -21.01
CA MET B 489 4.15 -16.79 -21.53
C MET B 489 4.86 -18.12 -21.26
N SER B 490 6.16 -18.06 -20.99
CA SER B 490 6.93 -19.26 -20.70
C SER B 490 6.33 -20.03 -19.53
N GLY B 491 5.99 -21.29 -19.76
CA GLY B 491 5.40 -22.12 -18.74
C GLY B 491 4.81 -23.41 -19.28
N THR B 492 3.74 -23.86 -18.65
CA THR B 492 3.05 -25.09 -19.06
C THR B 492 1.66 -24.73 -19.59
N TYR B 493 1.24 -25.41 -20.66
CA TYR B 493 -0.07 -25.15 -21.27
C TYR B 493 -0.89 -26.43 -21.40
N LYS B 494 -2.19 -26.30 -21.15
CA LYS B 494 -3.11 -27.42 -21.25
C LYS B 494 -3.95 -27.28 -22.53
N CYS B 495 -4.15 -28.40 -23.22
CA CYS B 495 -5.08 -28.46 -24.35
C CYS B 495 -6.09 -29.57 -24.11
N GLN B 496 -7.37 -29.27 -24.33
CA GLN B 496 -8.43 -30.26 -24.07
C GLN B 496 -9.60 -30.13 -25.04
N THR B 497 -10.30 -31.25 -25.24
CA THR B 497 -11.44 -31.31 -26.13
C THR B 497 -12.65 -30.55 -25.57
N ALA B 498 -13.37 -29.86 -26.46
CA ALA B 498 -14.59 -29.15 -26.09
C ALA B 498 -15.69 -30.15 -25.74
N ARG B 499 -16.69 -29.69 -24.99
CA ARG B 499 -17.86 -30.50 -24.69
C ARG B 499 -18.98 -30.28 -25.72
N TYR B 500 -18.74 -29.38 -26.67
CA TYR B 500 -19.72 -29.09 -27.71
C TYR B 500 -19.11 -29.36 -29.09
N ASN B 501 -19.97 -29.37 -30.11
CA ASN B 501 -19.55 -29.75 -31.46
C ASN B 501 -18.86 -31.11 -31.43
N GLY B 502 -19.35 -32.00 -30.59
CA GLY B 502 -18.78 -33.31 -30.41
C GLY B 502 -19.35 -34.03 -29.21
N PHE B 503 -18.59 -34.99 -28.69
CA PHE B 503 -19.04 -35.77 -27.55
C PHE B 503 -19.08 -34.91 -26.28
N ASN B 504 -20.16 -35.03 -25.52
CA ASN B 504 -20.28 -34.37 -24.23
C ASN B 504 -19.73 -35.33 -23.17
N ILE B 505 -18.41 -35.47 -23.16
CA ILE B 505 -17.71 -36.42 -22.30
C ILE B 505 -16.58 -35.71 -21.57
N ARG B 506 -16.13 -36.31 -20.46
CA ARG B 506 -14.96 -35.85 -19.74
C ARG B 506 -13.86 -35.44 -20.73
N PRO B 507 -13.49 -34.14 -20.76
CA PRO B 507 -12.55 -33.69 -21.78
C PRO B 507 -11.18 -34.37 -21.68
N ARG B 508 -10.63 -34.77 -22.83
CA ARG B 508 -9.31 -35.38 -22.88
C ARG B 508 -8.24 -34.30 -22.81
N GLU B 509 -7.19 -34.52 -22.03
CA GLU B 509 -6.19 -33.49 -21.79
C GLU B 509 -4.80 -33.90 -22.26
N ALA B 510 -3.96 -32.90 -22.52
CA ALA B 510 -2.56 -33.11 -22.87
C ALA B 510 -1.80 -31.82 -22.60
N LEU B 511 -0.54 -31.94 -22.16
CA LEU B 511 0.24 -30.77 -21.78
C LEU B 511 1.37 -30.50 -22.77
N VAL B 512 1.75 -29.23 -22.88
CA VAL B 512 2.90 -28.83 -23.67
C VAL B 512 3.69 -27.74 -22.96
N GLN B 513 5.02 -27.85 -22.98
CA GLN B 513 5.89 -26.85 -22.37
C GLN B 513 6.29 -25.79 -23.39
N LEU B 514 6.42 -24.55 -22.93
CA LEU B 514 6.82 -23.44 -23.80
C LEU B 514 8.00 -22.67 -23.21
N ASN B 515 9.20 -22.91 -23.74
CA ASN B 515 10.36 -22.13 -23.35
C ASN B 515 10.52 -20.89 -24.22
N VAL B 516 10.60 -19.73 -23.58
CA VAL B 516 10.84 -18.48 -24.27
C VAL B 516 12.25 -18.04 -23.92
N GLN B 517 13.20 -18.42 -24.77
CA GLN B 517 14.60 -18.06 -24.53
C GLN B 517 14.83 -16.57 -24.69
N PHE B 518 15.81 -16.05 -23.97
CA PHE B 518 16.15 -14.63 -24.00
C PHE B 518 17.63 -14.45 -23.66
N PRO B 519 18.24 -13.35 -24.14
CA PRO B 519 19.68 -13.18 -23.90
C PRO B 519 20.02 -13.06 -22.42
N PRO B 520 21.32 -13.22 -22.06
CA PRO B 520 21.71 -13.17 -20.65
C PRO B 520 21.70 -11.77 -20.06
N VAL B 521 21.67 -11.70 -18.74
CA VAL B 521 21.94 -10.45 -18.02
C VAL B 521 23.03 -10.70 -16.99
N VAL B 522 24.10 -9.92 -17.05
CA VAL B 522 25.26 -10.14 -16.21
C VAL B 522 25.43 -9.02 -15.20
N GLU B 523 26.36 -9.23 -14.26
CA GLU B 523 26.60 -8.28 -13.20
C GLU B 523 28.08 -8.25 -12.82
N PRO B 524 28.67 -7.05 -12.67
CA PRO B 524 28.05 -5.72 -12.79
C PRO B 524 28.05 -5.21 -14.24
N ALA B 525 27.08 -4.38 -14.58
CA ALA B 525 27.04 -3.78 -15.90
C ALA B 525 28.21 -2.83 -16.06
N PHE B 526 28.45 -2.02 -15.04
CA PHE B 526 29.63 -1.17 -14.99
C PHE B 526 30.16 -1.07 -13.56
N GLN B 527 31.47 -1.03 -13.41
CA GLN B 527 32.11 -0.91 -12.11
C GLN B 527 33.41 -0.14 -12.23
N ASP B 528 33.53 0.95 -11.47
CA ASP B 528 34.73 1.76 -11.47
C ASP B 528 35.67 1.24 -10.39
N VAL B 529 36.72 0.54 -10.81
CA VAL B 529 37.62 -0.12 -9.88
C VAL B 529 38.90 0.69 -9.72
N ARG B 530 39.29 0.89 -8.46
CA ARG B 530 40.51 1.64 -8.14
C ARG B 530 41.41 0.78 -7.25
N GLN B 531 42.71 0.94 -7.41
CA GLN B 531 43.68 0.15 -6.64
C GLN B 531 45.09 0.69 -6.85
N GLY B 532 45.97 0.47 -5.88
CA GLY B 532 47.34 0.94 -5.97
C GLY B 532 48.03 0.46 -7.23
N MET B 533 49.29 0.88 -7.41
CA MET B 533 50.00 0.59 -8.66
C MET B 533 50.59 -0.81 -8.70
N GLY B 534 51.17 -1.25 -7.58
CA GLY B 534 51.80 -2.55 -7.52
C GLY B 534 50.85 -3.67 -7.10
N ARG B 535 49.73 -3.27 -6.51
CA ARG B 535 48.75 -4.22 -5.99
C ARG B 535 47.98 -4.89 -7.14
N SER B 536 47.35 -6.02 -6.83
CA SER B 536 46.57 -6.77 -7.81
C SER B 536 45.08 -6.61 -7.58
N VAL B 537 44.28 -6.99 -8.57
CA VAL B 537 42.82 -6.94 -8.46
C VAL B 537 42.17 -8.02 -9.31
N THR B 538 41.04 -8.54 -8.86
CA THR B 538 40.31 -9.57 -9.59
C THR B 538 38.90 -9.11 -9.96
N LEU B 539 38.54 -9.30 -11.23
CA LEU B 539 37.22 -8.93 -11.74
C LEU B 539 36.32 -10.14 -12.01
N ARG B 540 35.11 -10.13 -11.46
CA ARG B 540 34.15 -11.22 -11.73
C ARG B 540 32.88 -10.69 -12.43
N CYS B 541 32.52 -11.38 -13.51
CA CYS B 541 31.26 -11.11 -14.20
C CYS B 541 30.32 -12.30 -14.00
N THR B 542 29.22 -12.06 -13.29
CA THR B 542 28.30 -13.14 -12.93
C THR B 542 27.00 -13.07 -13.71
N MET B 543 26.53 -14.22 -14.17
CA MET B 543 25.27 -14.33 -14.88
C MET B 543 24.16 -14.71 -13.91
N LEU B 544 23.12 -13.89 -13.85
CA LEU B 544 22.01 -14.14 -12.94
C LEU B 544 20.86 -14.82 -13.67
N LYS B 545 20.27 -14.10 -14.62
CA LYS B 545 19.20 -14.62 -15.45
C LYS B 545 19.69 -14.87 -16.88
N GLY B 546 18.95 -15.70 -17.61
CA GLY B 546 19.31 -16.04 -18.98
C GLY B 546 18.82 -17.45 -19.30
N SER B 547 18.13 -17.60 -20.42
CA SER B 547 17.69 -18.93 -20.85
C SER B 547 18.19 -19.22 -22.26
N PRO B 548 19.08 -20.22 -22.41
CA PRO B 548 19.67 -21.15 -21.42
C PRO B 548 20.44 -20.49 -20.27
N MET B 549 20.29 -21.04 -19.06
CA MET B 549 21.04 -20.55 -17.90
C MET B 549 22.39 -21.26 -17.87
N LYS B 550 23.21 -20.99 -18.87
CA LYS B 550 24.56 -21.54 -18.92
C LYS B 550 25.47 -20.65 -19.76
N VAL B 551 26.66 -20.38 -19.23
CA VAL B 551 27.65 -19.61 -19.99
C VAL B 551 28.14 -20.46 -21.15
N ALA B 552 27.61 -20.20 -22.34
CA ALA B 552 28.07 -20.89 -23.53
C ALA B 552 29.55 -20.60 -23.68
N THR B 553 29.89 -19.32 -23.59
CA THR B 553 31.27 -18.87 -23.69
C THR B 553 31.42 -17.55 -22.95
N SER B 554 32.60 -17.33 -22.38
CA SER B 554 32.92 -16.06 -21.76
C SER B 554 34.21 -15.56 -22.38
N VAL B 555 34.21 -14.30 -22.79
CA VAL B 555 35.36 -13.71 -23.45
C VAL B 555 35.78 -12.41 -22.78
N TRP B 556 36.99 -12.38 -22.23
CA TRP B 556 37.47 -11.17 -21.59
C TRP B 556 38.19 -10.37 -22.66
N ARG B 557 37.91 -9.07 -22.71
CA ARG B 557 38.54 -8.19 -23.67
C ARG B 557 39.18 -7.00 -22.96
N PHE B 558 40.28 -6.50 -23.52
CA PHE B 558 40.96 -5.35 -22.95
C PHE B 558 41.23 -4.30 -24.03
N ASN B 559 40.70 -3.10 -23.84
CA ASN B 559 40.83 -2.01 -24.81
C ASN B 559 40.65 -2.48 -26.25
N GLY B 560 39.66 -3.33 -26.48
CA GLY B 560 39.32 -3.77 -27.82
C GLY B 560 39.92 -5.09 -28.22
N THR B 561 41.16 -5.33 -27.81
CA THR B 561 41.84 -6.58 -28.14
C THR B 561 41.31 -7.69 -27.24
N LEU B 562 41.28 -8.92 -27.75
CA LEU B 562 40.84 -10.04 -26.94
C LEU B 562 41.99 -10.54 -26.06
N LEU B 563 41.64 -11.31 -25.03
CA LEU B 563 42.62 -11.82 -24.07
C LEU B 563 42.81 -13.33 -24.22
N ALA B 564 43.33 -13.97 -23.19
CA ALA B 564 43.50 -15.41 -23.17
C ALA B 564 42.65 -16.04 -22.07
N GLN B 565 42.31 -17.32 -22.24
CA GLN B 565 41.53 -18.04 -21.24
C GLN B 565 41.56 -19.54 -21.52
N GLN B 571 31.09 -21.97 -16.49
CA GLN B 571 31.35 -22.00 -15.05
C GLN B 571 30.31 -21.16 -14.29
N ASP B 572 29.28 -20.72 -15.01
CA ASP B 572 28.19 -19.92 -14.45
C ASP B 572 28.61 -18.46 -14.25
N TYR B 573 29.92 -18.20 -14.31
CA TYR B 573 30.45 -16.84 -14.19
C TYR B 573 31.84 -16.80 -14.80
N SER B 574 32.43 -15.61 -14.86
CA SER B 574 33.78 -15.45 -15.38
C SER B 574 34.65 -14.59 -14.45
N GLU B 575 35.93 -14.93 -14.33
CA GLU B 575 36.86 -14.19 -13.48
C GLU B 575 38.13 -13.77 -14.22
N LEU B 576 38.62 -12.56 -13.92
CA LEU B 576 39.91 -12.09 -14.43
C LEU B 576 40.75 -11.43 -13.32
N LYS B 577 42.03 -11.77 -13.28
CA LYS B 577 42.94 -11.21 -12.29
C LYS B 577 44.01 -10.33 -12.94
N VAL B 578 44.00 -9.05 -12.60
CA VAL B 578 45.04 -8.13 -13.04
C VAL B 578 46.20 -8.20 -12.05
N ASP B 579 47.30 -8.81 -12.47
CA ASP B 579 48.46 -9.03 -11.60
C ASP B 579 49.01 -7.72 -11.03
N SER B 580 49.32 -6.77 -11.89
CA SER B 580 49.89 -5.50 -11.46
C SER B 580 49.15 -4.31 -12.09
N VAL B 581 48.38 -3.60 -11.28
CA VAL B 581 47.65 -2.42 -11.73
C VAL B 581 48.63 -1.33 -12.14
N SER B 582 49.12 -1.39 -13.38
CA SER B 582 50.05 -0.39 -13.89
C SER B 582 49.43 0.41 -15.00
N ARG B 583 50.11 1.49 -15.42
CA ARG B 583 49.61 2.34 -16.48
C ARG B 583 49.46 1.54 -17.77
N GLU B 584 50.24 0.46 -17.88
CA GLU B 584 50.25 -0.37 -19.07
C GLU B 584 49.14 -1.41 -19.00
N THR B 585 48.78 -1.83 -17.80
CA THR B 585 47.78 -2.87 -17.61
C THR B 585 46.44 -2.27 -17.20
N SER B 586 46.48 -1.03 -16.73
CA SER B 586 45.27 -0.32 -16.32
C SER B 586 44.47 0.11 -17.55
N GLY B 587 43.15 -0.07 -17.48
CA GLY B 587 42.28 0.26 -18.58
C GLY B 587 40.88 -0.29 -18.40
N SER B 588 40.22 -0.63 -19.50
CA SER B 588 38.86 -1.12 -19.46
C SER B 588 38.77 -2.58 -19.87
N TYR B 589 38.32 -3.41 -18.94
CA TYR B 589 38.14 -4.84 -19.21
C TYR B 589 36.68 -5.11 -19.53
N GLU B 590 36.43 -6.00 -20.48
CA GLU B 590 35.08 -6.36 -20.88
C GLU B 590 34.93 -7.87 -20.92
N CYS B 591 34.02 -8.39 -20.09
CA CYS B 591 33.72 -9.82 -20.11
C CYS B 591 32.42 -10.06 -20.86
N SER B 592 32.52 -10.71 -22.02
CA SER B 592 31.36 -10.96 -22.85
C SER B 592 30.77 -12.35 -22.62
N ILE B 593 29.92 -12.47 -21.61
CA ILE B 593 29.25 -13.73 -21.33
C ILE B 593 28.09 -13.86 -22.31
N SER B 594 27.84 -15.08 -22.76
CA SER B 594 26.82 -15.31 -23.79
C SER B 594 26.22 -16.71 -23.68
N ASN B 595 24.90 -16.77 -23.79
CA ASN B 595 24.21 -18.05 -24.01
C ASN B 595 24.18 -18.33 -25.50
N ASP B 596 23.41 -19.34 -25.91
CA ASP B 596 23.33 -19.72 -27.31
C ASP B 596 22.41 -18.81 -28.12
N VAL B 597 21.91 -17.74 -27.49
CA VAL B 597 20.90 -16.90 -28.11
C VAL B 597 21.39 -15.46 -28.24
N GLY B 598 22.06 -14.97 -27.21
CA GLY B 598 22.53 -13.59 -27.20
C GLY B 598 23.79 -13.38 -26.39
N VAL B 599 24.22 -12.12 -26.30
CA VAL B 599 25.42 -11.77 -25.57
C VAL B 599 25.14 -10.61 -24.63
N SER B 600 25.79 -10.64 -23.46
CA SER B 600 25.73 -9.53 -22.52
C SER B 600 27.06 -9.45 -21.78
N ALA B 601 27.50 -8.24 -21.46
CA ALA B 601 28.85 -8.04 -20.96
C ALA B 601 28.90 -7.17 -19.72
N CYS B 602 29.80 -7.52 -18.81
CA CYS B 602 30.17 -6.62 -17.72
C CYS B 602 31.25 -5.70 -18.24
N LEU B 603 31.38 -4.52 -17.63
CA LEU B 603 32.40 -3.57 -18.05
C LEU B 603 33.10 -2.98 -16.83
N PHE B 604 34.38 -3.30 -16.70
CA PHE B 604 35.16 -2.83 -15.56
C PHE B 604 36.12 -1.72 -15.99
N GLN B 605 36.36 -0.79 -15.08
CA GLN B 605 37.33 0.27 -15.29
C GLN B 605 38.43 0.16 -14.24
N VAL B 606 39.60 -0.32 -14.66
CA VAL B 606 40.69 -0.55 -13.73
C VAL B 606 41.71 0.56 -13.88
N SER B 607 42.13 1.12 -12.74
CA SER B 607 43.16 2.15 -12.73
C SER B 607 43.59 2.46 -11.30
N ALA B 608 44.67 3.22 -11.18
CA ALA B 608 45.18 3.65 -9.88
C ALA B 608 44.98 5.16 -9.72
N LYS B 609 43.99 5.69 -10.42
CA LYS B 609 43.66 7.11 -10.34
C LYS B 609 43.02 7.46 -9.00
N ALA B 610 43.42 8.60 -8.45
CA ALA B 610 42.80 9.10 -7.23
C ALA B 610 41.42 9.63 -7.54
N TYR B 611 40.52 9.56 -6.56
CA TYR B 611 39.17 10.05 -6.71
C TYR B 611 39.15 11.57 -6.80
N SER B 612 38.00 12.11 -7.16
CA SER B 612 37.85 13.55 -7.30
C SER B 612 37.89 14.26 -5.94
N PRO B 613 38.50 15.45 -5.89
CA PRO B 613 38.41 16.25 -4.66
C PRO B 613 37.00 16.78 -4.45
N GLU B 614 36.61 16.99 -3.20
CA GLU B 614 35.25 17.40 -2.87
C GLU B 614 35.22 18.83 -2.37
N PHE B 615 34.76 19.75 -3.21
CA PHE B 615 34.76 21.17 -2.86
C PHE B 615 33.89 21.43 -1.63
N TYR B 616 34.39 22.25 -0.72
CA TYR B 616 33.67 22.62 0.49
C TYR B 616 32.91 23.92 0.24
N TYR B 617 31.58 23.84 0.33
CA TYR B 617 30.73 24.94 -0.13
C TYR B 617 30.19 25.84 0.99
N ASP B 618 30.31 25.41 2.24
CA ASP B 618 29.63 26.09 3.35
C ASP B 618 30.56 26.98 4.17
N THR B 619 31.10 28.03 3.55
CA THR B 619 31.94 29.00 4.26
C THR B 619 31.90 30.38 3.60
N PRO B 620 32.00 31.46 4.40
CA PRO B 620 32.16 32.79 3.80
C PRO B 620 33.54 32.95 3.15
N ASN B 621 33.57 33.12 1.84
CA ASN B 621 34.80 32.92 1.08
C ASN B 621 35.59 34.20 0.78
N PRO B 622 34.95 35.18 0.12
CA PRO B 622 35.73 36.27 -0.48
C PRO B 622 36.37 37.22 0.54
N THR B 623 37.44 37.87 0.13
CA THR B 623 38.13 38.84 0.98
C THR B 623 38.45 40.08 0.16
N LEU B 624 37.72 41.17 0.46
CA LEU B 624 37.88 42.42 -0.27
C LEU B 624 39.22 43.08 0.02
N SER B 625 39.95 43.43 -1.03
CA SER B 625 41.23 44.11 -0.86
C SER B 625 40.99 45.60 -0.71
N GLN B 626 40.95 46.07 0.54
CA GLN B 626 40.73 47.48 0.85
C GLN B 626 39.59 48.10 0.03
N LYS B 627 38.68 47.25 -0.46
CA LYS B 627 37.60 47.68 -1.34
C LYS B 627 38.13 48.44 -2.57
N GLN B 628 39.43 48.30 -2.83
CA GLN B 628 40.08 49.05 -3.90
C GLN B 628 41.01 48.14 -4.71
N SER B 629 41.60 48.71 -5.74
CA SER B 629 42.47 47.97 -6.66
C SER B 629 41.69 46.90 -7.44
N LYS B 630 40.37 46.92 -7.31
CA LYS B 630 39.52 45.95 -7.97
C LYS B 630 39.89 44.51 -7.65
N ASN B 631 40.52 44.27 -6.49
CA ASN B 631 40.98 42.93 -6.15
C ASN B 631 40.22 42.33 -4.97
N TYR B 632 39.90 41.05 -5.07
CA TYR B 632 39.43 40.28 -3.93
C TYR B 632 40.20 38.95 -3.91
N SER B 633 40.15 38.25 -2.78
CA SER B 633 40.76 36.92 -2.70
C SER B 633 39.75 35.90 -2.22
N TYR B 634 39.92 34.65 -2.65
CA TYR B 634 38.96 33.61 -2.33
C TYR B 634 39.63 32.51 -1.53
N ILE B 635 38.95 32.05 -0.48
CA ILE B 635 39.46 30.97 0.35
C ILE B 635 38.96 29.63 -0.20
N LEU B 636 39.73 29.07 -1.13
CA LEU B 636 39.38 27.77 -1.72
C LEU B 636 39.57 26.64 -0.72
N GLN B 637 38.50 25.89 -0.48
CA GLN B 637 38.53 24.78 0.47
C GLN B 637 37.99 23.50 -0.16
N TRP B 638 38.45 22.35 0.32
CA TRP B 638 38.02 21.06 -0.22
C TRP B 638 38.54 19.88 0.60
N THR B 639 38.04 18.70 0.29
CA THR B 639 38.53 17.45 0.88
C THR B 639 38.87 16.44 -0.22
N GLN B 640 39.63 15.42 0.13
CA GLN B 640 39.94 14.35 -0.80
C GLN B 640 39.06 13.13 -0.52
N LYS B 641 38.28 12.72 -1.53
CA LYS B 641 37.44 11.56 -1.40
C LYS B 641 38.32 10.30 -1.37
N GLU B 642 38.20 9.52 -0.31
CA GLU B 642 38.90 8.24 -0.19
C GLU B 642 40.39 8.38 -0.52
N PRO B 643 41.14 9.10 0.32
CA PRO B 643 42.57 9.31 0.06
C PRO B 643 43.37 8.01 -0.01
N ASP B 644 42.93 6.99 0.71
CA ASP B 644 43.67 5.74 0.82
C ASP B 644 43.16 4.67 -0.15
N ALA B 645 42.40 5.08 -1.16
CA ALA B 645 41.85 4.14 -2.12
C ALA B 645 42.91 3.80 -3.17
N VAL B 646 43.85 4.71 -3.36
CA VAL B 646 44.95 4.48 -4.31
C VAL B 646 46.25 4.95 -3.67
N ASP B 647 47.25 5.22 -4.50
CA ASP B 647 48.51 5.78 -4.03
C ASP B 647 48.26 7.13 -3.35
N PRO B 648 49.14 7.52 -2.41
CA PRO B 648 48.95 8.77 -1.67
C PRO B 648 48.98 10.02 -2.56
N ILE B 649 48.21 11.04 -2.18
CA ILE B 649 48.16 12.29 -2.92
C ILE B 649 49.44 13.07 -2.68
N LEU B 650 50.15 13.40 -3.75
CA LEU B 650 51.40 14.16 -3.64
C LEU B 650 51.12 15.66 -3.68
N LYS B 651 50.44 16.09 -4.74
CA LYS B 651 50.18 17.51 -4.96
C LYS B 651 48.88 17.66 -5.75
N TYR B 652 48.25 18.82 -5.62
CA TYR B 652 47.10 19.16 -6.45
C TYR B 652 47.50 20.16 -7.53
N ARG B 653 47.02 19.96 -8.75
CA ARG B 653 47.17 20.98 -9.78
C ARG B 653 45.94 21.87 -9.74
N LEU B 654 46.17 23.16 -9.52
CA LEU B 654 45.09 24.13 -9.43
C LEU B 654 45.09 24.99 -10.68
N GLU B 655 43.94 25.01 -11.36
CA GLU B 655 43.74 25.87 -12.52
C GLU B 655 42.69 26.93 -12.23
N VAL B 656 42.95 28.16 -12.68
CA VAL B 656 42.02 29.26 -12.49
C VAL B 656 41.76 29.94 -13.82
N ARG B 657 40.51 29.88 -14.28
CA ARG B 657 40.10 30.61 -15.47
C ARG B 657 39.02 31.60 -15.08
N GLN B 658 38.86 32.66 -15.88
CA GLN B 658 38.00 33.77 -15.52
C GLN B 658 36.68 33.73 -16.29
N LEU B 659 36.44 32.64 -17.01
CA LEU B 659 35.30 32.54 -17.93
C LEU B 659 35.48 33.47 -19.13
N ALA B 660 35.72 34.76 -18.84
CA ALA B 660 35.91 35.78 -19.87
C ALA B 660 37.03 35.42 -20.84
N GLN B 661 38.11 34.84 -20.34
CA GLN B 661 39.28 34.54 -21.16
C GLN B 661 39.68 33.07 -21.08
N ARG B 662 40.33 32.59 -22.13
CA ARG B 662 40.80 31.21 -22.20
C ARG B 662 42.00 30.93 -21.28
N ASN B 663 42.93 31.88 -21.19
CA ASN B 663 44.16 31.66 -20.45
C ASN B 663 43.87 31.34 -18.98
N THR B 664 44.61 30.38 -18.44
CA THR B 664 44.39 29.90 -17.09
C THR B 664 45.66 29.99 -16.26
N ILE B 665 45.52 30.32 -14.98
CA ILE B 665 46.66 30.40 -14.08
C ILE B 665 46.79 29.02 -13.42
N GLN B 666 47.88 28.33 -13.74
CA GLN B 666 48.13 26.99 -13.22
C GLN B 666 49.12 27.03 -12.06
N THR B 667 48.80 26.32 -10.98
CA THR B 667 49.68 26.26 -9.82
C THR B 667 49.64 24.86 -9.21
N PHE B 668 50.57 24.58 -8.31
CA PHE B 668 50.62 23.27 -7.65
C PHE B 668 50.60 23.44 -6.13
N ILE B 669 49.60 22.87 -5.48
CA ILE B 669 49.58 22.78 -4.02
C ILE B 669 50.23 21.44 -3.69
N PRO B 670 51.25 21.45 -2.80
CA PRO B 670 51.79 20.15 -2.39
C PRO B 670 51.17 19.61 -1.11
N VAL B 671 50.68 18.38 -1.18
CA VAL B 671 50.07 17.73 -0.03
C VAL B 671 51.16 17.32 0.94
N GLN B 672 50.95 17.59 2.22
CA GLN B 672 51.89 17.19 3.24
C GLN B 672 51.55 15.75 3.64
N LYS B 673 50.25 15.52 3.83
CA LYS B 673 49.70 14.23 4.19
C LYS B 673 48.23 14.49 4.43
N MET B 674 47.40 13.45 4.43
CA MET B 674 45.99 13.64 4.65
C MET B 674 45.29 12.37 5.06
N GLU B 675 44.14 12.54 5.70
CA GLU B 675 43.32 11.42 6.14
C GLU B 675 41.88 11.72 5.75
N LYS B 676 41.07 10.68 5.66
CA LYS B 676 39.68 10.82 5.23
C LYS B 676 38.97 11.86 6.08
N GLY B 677 38.58 12.96 5.45
CA GLY B 677 37.83 14.02 6.11
C GLY B 677 38.62 15.27 6.45
N LEU B 678 39.92 15.27 6.17
CA LEU B 678 40.75 16.45 6.42
C LEU B 678 40.49 17.57 5.42
N LEU B 679 40.19 18.77 5.92
CA LEU B 679 39.96 19.93 5.06
C LEU B 679 41.27 20.53 4.56
N LEU B 680 41.32 20.85 3.28
CA LEU B 680 42.49 21.48 2.68
C LEU B 680 42.10 22.90 2.27
N GLU B 681 43.06 23.81 2.29
CA GLU B 681 42.77 25.22 2.02
C GLU B 681 43.77 25.86 1.05
N HIS B 682 43.32 26.83 0.27
CA HIS B 682 44.22 27.63 -0.56
C HIS B 682 43.61 28.97 -0.99
N ILE B 683 44.32 30.07 -0.72
CA ILE B 683 43.84 31.41 -1.06
C ILE B 683 44.29 31.84 -2.45
N LEU B 684 43.34 32.33 -3.25
CA LEU B 684 43.64 32.88 -4.56
C LEU B 684 43.79 34.40 -4.36
N PRO B 685 45.03 34.92 -4.43
CA PRO B 685 45.28 36.33 -4.10
C PRO B 685 44.77 37.44 -5.04
N ASN B 686 44.91 37.28 -6.36
CA ASN B 686 44.56 38.37 -7.27
C ASN B 686 43.37 38.06 -8.19
N LEU B 687 42.19 38.54 -7.81
CA LEU B 687 40.98 38.33 -8.59
C LEU B 687 40.19 39.63 -8.75
N LYS B 688 39.92 40.02 -10.00
CA LYS B 688 39.18 41.25 -10.28
C LYS B 688 37.84 41.27 -9.54
N VAL B 689 37.51 42.40 -8.94
CA VAL B 689 36.40 42.50 -7.99
C VAL B 689 35.03 42.04 -8.50
N PRO B 690 34.67 42.33 -9.77
CA PRO B 690 33.33 41.89 -10.14
C PRO B 690 33.19 40.57 -10.91
N GLN B 691 34.24 40.08 -11.55
CA GLN B 691 34.10 38.87 -12.38
C GLN B 691 34.18 37.59 -11.55
N SER B 692 33.75 36.50 -12.17
CA SER B 692 33.77 35.19 -11.55
C SER B 692 34.85 34.35 -12.20
N TYR B 693 35.16 33.20 -11.60
CA TYR B 693 36.24 32.36 -12.11
C TYR B 693 35.85 30.89 -12.04
N GLU B 694 36.40 30.09 -12.94
CA GLU B 694 36.28 28.64 -12.84
C GLU B 694 37.53 28.09 -12.18
N VAL B 695 37.34 27.07 -11.33
CA VAL B 695 38.46 26.49 -10.60
C VAL B 695 38.45 24.98 -10.84
N ARG B 696 39.48 24.50 -11.52
CA ARG B 696 39.66 23.06 -11.73
C ARG B 696 40.81 22.52 -10.89
N LEU B 697 40.50 21.51 -10.09
CA LEU B 697 41.44 20.97 -9.10
C LEU B 697 41.71 19.49 -9.34
N THR B 698 42.97 19.16 -9.63
CA THR B 698 43.32 17.78 -9.97
C THR B 698 44.33 17.20 -8.98
N PRO B 699 44.06 15.99 -8.44
CA PRO B 699 45.06 15.35 -7.58
C PRO B 699 46.13 14.63 -8.38
N ILE B 700 47.35 14.55 -7.84
CA ILE B 700 48.44 13.83 -8.50
C ILE B 700 48.96 12.76 -7.56
N THR B 701 49.07 11.54 -8.08
CA THR B 701 49.72 10.45 -7.36
C THR B 701 50.85 9.89 -8.23
N SER B 702 51.58 8.90 -7.71
CA SER B 702 52.64 8.25 -8.47
C SER B 702 52.12 7.74 -9.81
N PHE B 703 50.83 7.45 -9.87
CA PHE B 703 50.17 7.00 -11.10
C PHE B 703 49.96 8.17 -12.05
N GLY B 704 49.86 9.37 -11.51
CA GLY B 704 49.64 10.56 -12.30
C GLY B 704 48.42 11.34 -11.85
N ALA B 705 47.74 11.99 -12.79
CA ALA B 705 46.60 12.82 -12.47
C ALA B 705 45.37 11.96 -12.15
N GLY B 706 44.73 12.25 -11.02
CA GLY B 706 43.49 11.60 -10.66
C GLY B 706 42.29 12.28 -11.29
N ASP B 707 41.10 11.99 -10.76
CA ASP B 707 39.87 12.59 -11.26
C ASP B 707 39.79 14.07 -10.89
N MET B 708 39.69 14.92 -11.90
CA MET B 708 39.60 16.36 -11.70
C MET B 708 38.19 16.80 -11.30
N ALA B 709 38.11 17.85 -10.49
CA ALA B 709 36.84 18.45 -10.09
C ALA B 709 36.82 19.92 -10.47
N ALA B 710 35.62 20.48 -10.64
CA ALA B 710 35.49 21.86 -11.08
C ALA B 710 34.47 22.63 -10.24
N ARG B 711 34.57 23.95 -10.29
CA ARG B 711 33.74 24.81 -9.46
C ARG B 711 33.83 26.25 -9.96
N ILE B 712 32.81 27.05 -9.69
CA ILE B 712 32.83 28.46 -10.03
C ILE B 712 32.79 29.29 -8.76
N ILE B 713 33.78 30.17 -8.61
CA ILE B 713 33.85 31.06 -7.45
C ILE B 713 33.42 32.45 -7.90
N ARG B 714 33.02 33.29 -6.96
CA ARG B 714 32.63 34.66 -7.29
C ARG B 714 32.68 35.58 -6.08
N TYR B 715 32.96 36.85 -6.35
CA TYR B 715 32.93 37.87 -5.30
C TYR B 715 31.54 37.93 -4.69
N MET B 716 31.48 38.21 -3.39
CA MET B 716 30.20 38.41 -2.72
C MET B 716 30.30 39.57 -1.73
#